data_7ZW1
#
_entry.id   7ZW1
#
_cell.length_a   1.00
_cell.length_b   1.00
_cell.length_c   1.00
_cell.angle_alpha   90.00
_cell.angle_beta   90.00
_cell.angle_gamma   90.00
#
_symmetry.space_group_name_H-M   'P 1'
#
loop_
_entity.id
_entity.type
_entity.pdbx_description
1 polymer Peripherin-2
2 polymer 'Rod outer segment membrane protein 1'
3 polymer Nanobody
#
loop_
_entity_poly.entity_id
_entity_poly.type
_entity_poly.pdbx_seq_one_letter_code
_entity_poly.pdbx_strand_id
1 'polypeptide(L)'
;HHHHHHGSALLKVKFDQKKRVKLAQGLWLMNWFSVLAGIIIFSLGLFLKIELRKRSDVMNNSESHFVPNSLIGMGVLSCV
FNSLAGKICYDALDPAKYARWKPWLKPYLAICVLFNIILFLVALCCFLLRGSLENTLGQGLKNGMKYYRDTDTPGRSFMK
KTIDMLQIEFKCCGNNGFRDWFEIQWISNRYLDFSSKEVKDRIKSNVDGRYLVDGVPFSCCNPSSPRPCIQYQITNNSAH
YSYDHQTEELNLWVRGCRAALLSYYSSLMNSMGVVTLLIWLFEVTITIGLRYLQTSLDGVSNPEESESESEGWLLEKSVP
ETWKAFLESVKKLGKGNQVEAEGAGAGQAPEAG
;
A
2 'polypeptide(L)'
;GSAPVLPLVLPLQPRIRLAQGLWLLSWLLALAGGVILLCSGHLLVQLRHLGTFLAPSCQFPVLPQAALAAGAVALGTGLV
GVGASRASLNAALYPPWRGVLGPLLVAGTAGGGGLLVVGLGLALALPGSLDEALEEGLVTALAHYKDTEVPGHCQAKRLV
DELQLRYHCCGRHGYKDWFGVQWVSSRYLDPGDRDVADRIQSNVEGLYLTDGVPFSCCNPHSPRPCLQNRLSDSYAHPLF
DPRQPNQNLWAQGCHEVLLEHLQDLAGTLGSMLAVTFLLQALVLLGLRYLQTALEGLGGVIDAGGETQGYLFPSGLKDML
KTAWLQGGVACRPAPEEAPPGEAPPKEDLSEA
;
B
3 'polypeptide(L)'
;SQVQLQESGGGLVQAGGSLRLSCAASTRTTSRYTVGWFCQAPGKEREFVAAVHWSGGSTWYADSVKGRFTISRDNAKNTV
YLQMNSLKQEDTAVYYCAAAEPRRYSYYMRPDEYNYWGQGTQVTVSSAAPLE
;
C
#
# COMPACT_ATOMS: atom_id res chain seq x y z
N LYS A 12 29.71 -48.10 2.91
CA LYS A 12 29.39 -48.63 1.60
C LYS A 12 27.95 -49.12 1.54
N VAL A 13 27.50 -49.52 0.35
CA VAL A 13 26.13 -49.97 0.15
C VAL A 13 26.02 -50.68 -1.19
N LYS A 14 25.11 -51.65 -1.28
CA LYS A 14 24.91 -52.40 -2.51
C LYS A 14 23.99 -51.62 -3.45
N PHE A 15 23.98 -52.05 -4.72
CA PHE A 15 23.18 -51.39 -5.73
C PHE A 15 22.80 -52.38 -6.82
N ASP A 16 21.59 -52.25 -7.34
CA ASP A 16 21.09 -53.04 -8.45
C ASP A 16 20.55 -52.09 -9.51
N GLN A 17 20.06 -52.66 -10.61
CA GLN A 17 19.55 -51.82 -11.70
C GLN A 17 18.35 -51.00 -11.27
N LYS A 18 17.42 -51.61 -10.53
CA LYS A 18 16.22 -50.89 -10.12
C LYS A 18 16.57 -49.79 -9.13
N LYS A 19 17.46 -50.07 -8.17
CA LYS A 19 17.88 -49.04 -7.23
C LYS A 19 18.59 -47.90 -7.97
N ARG A 20 19.44 -48.24 -8.93
CA ARG A 20 20.15 -47.20 -9.67
C ARG A 20 19.20 -46.32 -10.46
N VAL A 21 18.22 -46.92 -11.13
CA VAL A 21 17.29 -46.12 -11.93
C VAL A 21 16.40 -45.27 -11.04
N LYS A 22 15.96 -45.83 -9.90
CA LYS A 22 15.17 -45.02 -8.97
C LYS A 22 16.00 -43.86 -8.42
N LEU A 23 17.27 -44.11 -8.12
CA LEU A 23 18.15 -43.04 -7.65
C LEU A 23 18.31 -41.96 -8.72
N ALA A 24 18.45 -42.37 -9.99
CA ALA A 24 18.55 -41.40 -11.07
C ALA A 24 17.27 -40.56 -11.18
N GLN A 25 16.11 -41.20 -11.07
CA GLN A 25 14.85 -40.45 -11.12
C GLN A 25 14.76 -39.45 -9.99
N GLY A 26 15.11 -39.89 -8.77
CA GLY A 26 15.12 -38.97 -7.64
C GLY A 26 16.09 -37.84 -7.83
N LEU A 27 17.27 -38.13 -8.41
CA LEU A 27 18.24 -37.09 -8.70
C LEU A 27 17.68 -36.06 -9.66
N TRP A 28 17.01 -36.52 -10.72
CA TRP A 28 16.41 -35.59 -11.67
C TRP A 28 15.36 -34.71 -11.00
N LEU A 29 14.49 -35.32 -10.19
CA LEU A 29 13.44 -34.56 -9.53
C LEU A 29 14.03 -33.53 -8.57
N MET A 30 14.99 -33.94 -7.75
CA MET A 30 15.59 -33.01 -6.80
C MET A 30 16.41 -31.96 -7.51
N ASN A 31 16.95 -32.27 -8.69
CA ASN A 31 17.67 -31.26 -9.45
C ASN A 31 16.72 -30.20 -9.97
N TRP A 32 15.53 -30.60 -10.45
CA TRP A 32 14.55 -29.61 -10.85
C TRP A 32 14.12 -28.76 -9.65
N PHE A 33 13.94 -29.40 -8.49
CA PHE A 33 13.63 -28.65 -7.28
C PHE A 33 14.73 -27.65 -6.96
N SER A 34 15.98 -28.06 -7.15
CA SER A 34 17.11 -27.17 -6.88
C SER A 34 17.16 -26.01 -7.86
N VAL A 35 16.77 -26.25 -9.11
CA VAL A 35 16.67 -25.16 -10.08
C VAL A 35 15.63 -24.16 -9.60
N LEU A 36 14.48 -24.66 -9.12
CA LEU A 36 13.47 -23.78 -8.56
C LEU A 36 14.02 -23.00 -7.39
N ALA A 37 14.77 -23.66 -6.51
CA ALA A 37 15.38 -22.98 -5.38
C ALA A 37 16.33 -21.90 -5.84
N GLY A 38 17.12 -22.19 -6.87
CA GLY A 38 18.05 -21.19 -7.38
C GLY A 38 17.35 -19.97 -7.93
N ILE A 39 16.27 -20.18 -8.69
CA ILE A 39 15.56 -19.03 -9.24
C ILE A 39 14.91 -18.21 -8.13
N ILE A 40 14.35 -18.88 -7.11
CA ILE A 40 13.70 -18.12 -6.04
C ILE A 40 14.74 -17.34 -5.24
N ILE A 41 15.91 -17.93 -4.98
CA ILE A 41 16.94 -17.19 -4.26
C ILE A 41 17.45 -16.03 -5.11
N PHE A 42 17.53 -16.22 -6.43
CA PHE A 42 17.88 -15.12 -7.32
C PHE A 42 16.88 -13.97 -7.16
N SER A 43 15.59 -14.30 -7.20
CA SER A 43 14.57 -13.26 -7.05
C SER A 43 14.68 -12.57 -5.70
N LEU A 44 14.91 -13.32 -4.64
CA LEU A 44 15.02 -12.73 -3.31
C LEU A 44 16.24 -11.84 -3.20
N GLY A 45 17.37 -12.25 -3.80
CA GLY A 45 18.54 -11.41 -3.80
C GLY A 45 18.32 -10.11 -4.55
N LEU A 46 17.62 -10.19 -5.68
CA LEU A 46 17.29 -8.97 -6.41
C LEU A 46 16.37 -8.07 -5.58
N PHE A 47 15.42 -8.68 -4.86
CA PHE A 47 14.54 -7.90 -3.99
C PHE A 47 15.35 -7.18 -2.92
N LEU A 48 16.29 -7.88 -2.29
CA LEU A 48 17.14 -7.24 -1.29
C LEU A 48 17.97 -6.12 -1.91
N LYS A 49 18.50 -6.35 -3.11
CA LYS A 49 19.29 -5.32 -3.79
C LYS A 49 18.46 -4.06 -4.00
N ILE A 50 17.25 -4.21 -4.55
CA ILE A 50 16.43 -3.04 -4.82
C ILE A 50 16.02 -2.35 -3.52
N GLU A 51 15.68 -3.14 -2.49
CA GLU A 51 15.31 -2.56 -1.22
C GLU A 51 16.44 -1.74 -0.63
N LEU A 52 17.67 -2.26 -0.69
CA LEU A 52 18.82 -1.52 -0.19
C LEU A 52 19.04 -0.26 -1.01
N ARG A 53 18.91 -0.35 -2.33
CA ARG A 53 19.11 0.81 -3.19
C ARG A 53 18.06 1.88 -2.89
N LYS A 54 16.87 1.49 -2.48
CA LYS A 54 15.81 2.47 -2.22
C LYS A 54 16.26 3.49 -1.18
N ARG A 55 16.82 3.02 -0.07
CA ARG A 55 17.28 3.89 1.00
C ARG A 55 18.71 4.39 0.79
N SER A 56 19.22 4.34 -0.45
CA SER A 56 20.57 4.79 -0.71
C SER A 56 20.74 6.27 -0.40
N ASP A 57 19.74 7.08 -0.76
CA ASP A 57 19.87 8.53 -0.62
C ASP A 57 20.04 8.94 0.83
N VAL A 58 19.19 8.42 1.73
CA VAL A 58 19.25 8.82 3.13
C VAL A 58 20.61 8.47 3.71
N MET A 59 21.10 7.27 3.43
CA MET A 59 22.46 6.90 3.78
C MET A 59 23.42 7.47 2.74
N ASN A 60 24.71 7.18 2.88
CA ASN A 60 25.66 7.66 1.88
C ASN A 60 25.33 7.06 0.53
N ASN A 61 25.98 7.59 -0.51
CA ASN A 61 25.61 7.24 -1.87
C ASN A 61 25.75 5.75 -2.13
N SER A 62 26.85 5.15 -1.69
CA SER A 62 27.11 3.73 -1.92
C SER A 62 27.63 3.12 -0.63
N GLU A 63 27.04 2.00 -0.22
CA GLU A 63 27.47 1.32 1.00
C GLU A 63 26.76 -0.02 1.09
N SER A 64 27.54 -1.05 1.46
CA SER A 64 27.00 -2.37 1.72
C SER A 64 26.24 -2.93 0.52
N HIS A 65 26.94 -3.14 -0.60
CA HIS A 65 26.38 -3.75 -1.79
C HIS A 65 27.24 -4.92 -2.24
N PHE A 66 27.60 -5.79 -1.30
CA PHE A 66 28.35 -7.01 -1.60
C PHE A 66 27.53 -8.28 -1.40
N VAL A 67 26.79 -8.38 -0.30
CA VAL A 67 25.95 -9.55 -0.08
C VAL A 67 24.93 -9.71 -1.18
N PRO A 68 24.22 -8.67 -1.63
CA PRO A 68 23.25 -8.88 -2.72
C PRO A 68 23.89 -9.39 -4.00
N ASN A 69 25.02 -8.80 -4.42
CA ASN A 69 25.67 -9.27 -5.63
C ASN A 69 26.13 -10.72 -5.47
N SER A 70 26.68 -11.05 -4.30
CA SER A 70 27.07 -12.44 -4.05
C SER A 70 25.87 -13.37 -4.16
N LEU A 71 24.72 -12.94 -3.61
CA LEU A 71 23.53 -13.78 -3.69
C LEU A 71 23.08 -13.98 -5.14
N ILE A 72 23.12 -12.91 -5.94
CA ILE A 72 22.71 -13.02 -7.34
C ILE A 72 23.63 -14.00 -8.07
N GLY A 73 24.93 -13.82 -7.91
CA GLY A 73 25.88 -14.71 -8.56
C GLY A 73 25.70 -16.16 -8.11
N MET A 74 25.46 -16.35 -6.81
CA MET A 74 25.27 -17.69 -6.28
C MET A 74 24.04 -18.34 -6.86
N GLY A 75 22.94 -17.58 -6.96
CA GLY A 75 21.74 -18.12 -7.59
C GLY A 75 21.96 -18.52 -9.02
N VAL A 76 22.63 -17.66 -9.80
CA VAL A 76 22.89 -18.00 -11.20
C VAL A 76 23.74 -19.25 -11.29
N LEU A 77 24.79 -19.33 -10.47
CA LEU A 77 25.64 -20.51 -10.47
C LEU A 77 24.85 -21.76 -10.10
N SER A 78 23.97 -21.64 -9.12
CA SER A 78 23.16 -22.77 -8.69
C SER A 78 22.28 -23.26 -9.84
N CYS A 79 21.61 -22.35 -10.54
CA CYS A 79 20.75 -22.76 -11.64
C CYS A 79 21.56 -23.46 -12.73
N VAL A 80 22.69 -22.86 -13.15
CA VAL A 80 23.46 -23.44 -14.24
C VAL A 80 24.00 -24.81 -13.84
N PHE A 81 24.54 -24.92 -12.62
CA PHE A 81 25.09 -26.19 -12.17
C PHE A 81 24.00 -27.24 -12.05
N ASN A 82 22.81 -26.86 -11.59
CA ASN A 82 21.71 -27.81 -11.49
C ASN A 82 21.31 -28.32 -12.86
N SER A 83 21.26 -27.42 -13.85
CA SER A 83 20.96 -27.87 -15.21
C SER A 83 22.01 -28.84 -15.71
N LEU A 84 23.29 -28.53 -15.45
CA LEU A 84 24.36 -29.43 -15.89
C LEU A 84 24.23 -30.79 -15.21
N ALA A 85 23.95 -30.81 -13.92
CA ALA A 85 23.80 -32.08 -13.20
C ALA A 85 22.58 -32.85 -13.69
N GLY A 86 21.51 -32.15 -14.05
CA GLY A 86 20.36 -32.83 -14.62
C GLY A 86 20.69 -33.49 -15.94
N LYS A 87 21.45 -32.80 -16.79
CA LYS A 87 21.90 -33.41 -18.03
C LYS A 87 22.80 -34.61 -17.75
N ILE A 88 23.66 -34.51 -16.73
CA ILE A 88 24.51 -35.63 -16.36
C ILE A 88 23.66 -36.83 -15.96
N CYS A 89 22.62 -36.59 -15.15
CA CYS A 89 21.73 -37.69 -14.75
C CYS A 89 21.01 -38.28 -15.96
N TYR A 90 20.55 -37.43 -16.88
CA TYR A 90 19.88 -37.93 -18.07
C TYR A 90 20.82 -38.82 -18.88
N ASP A 91 22.08 -38.42 -19.02
CA ASP A 91 23.04 -39.26 -19.73
C ASP A 91 23.32 -40.54 -18.97
N ALA A 92 23.45 -40.45 -17.64
CA ALA A 92 23.72 -41.65 -16.84
C ALA A 92 22.58 -42.65 -16.94
N LEU A 93 21.36 -42.18 -17.17
CA LEU A 93 20.25 -43.11 -17.38
C LEU A 93 20.59 -44.11 -18.47
N ASP A 94 21.33 -43.69 -19.49
CA ASP A 94 21.77 -44.57 -20.56
C ASP A 94 23.29 -44.73 -20.49
N PRO A 95 23.82 -45.92 -20.24
CA PRO A 95 25.28 -46.07 -20.16
C PRO A 95 26.00 -45.60 -21.41
N ALA A 96 25.41 -45.84 -22.58
CA ALA A 96 26.05 -45.38 -23.82
C ALA A 96 26.21 -43.87 -23.83
N LYS A 97 25.15 -43.15 -23.41
CA LYS A 97 25.24 -41.70 -23.34
C LYS A 97 26.26 -41.26 -22.29
N TYR A 98 26.27 -41.93 -21.14
CA TYR A 98 27.21 -41.56 -20.08
C TYR A 98 28.65 -41.84 -20.46
N ALA A 99 28.89 -42.75 -21.41
CA ALA A 99 30.26 -43.14 -21.73
C ALA A 99 31.14 -41.93 -21.99
N ARG A 100 30.63 -40.92 -22.71
CA ARG A 100 31.42 -39.73 -22.98
C ARG A 100 31.71 -38.93 -21.72
N TRP A 101 30.96 -39.15 -20.64
CA TRP A 101 31.13 -38.41 -19.40
C TRP A 101 32.13 -39.06 -18.46
N LYS A 102 32.77 -40.16 -18.87
CA LYS A 102 33.71 -40.85 -17.98
C LYS A 102 34.83 -39.96 -17.48
N PRO A 103 35.51 -39.17 -18.32
CA PRO A 103 36.68 -38.42 -17.85
C PRO A 103 36.38 -37.08 -17.21
N TRP A 104 35.12 -36.78 -16.90
CA TRP A 104 34.75 -35.52 -16.26
C TRP A 104 34.10 -35.70 -14.90
N LEU A 105 33.95 -36.94 -14.42
CA LEU A 105 33.24 -37.17 -13.17
C LEU A 105 34.01 -36.63 -11.98
N LYS A 106 35.32 -36.88 -11.91
CA LYS A 106 36.10 -36.35 -10.79
C LYS A 106 36.15 -34.84 -10.81
N PRO A 107 36.42 -34.16 -11.93
CA PRO A 107 36.30 -32.70 -11.94
C PRO A 107 34.91 -32.21 -11.56
N TYR A 108 33.86 -32.90 -11.98
CA TYR A 108 32.51 -32.50 -11.60
C TYR A 108 32.32 -32.58 -10.09
N LEU A 109 32.78 -33.67 -9.48
CA LEU A 109 32.70 -33.78 -8.03
C LEU A 109 33.49 -32.67 -7.35
N ALA A 110 34.69 -32.39 -7.86
CA ALA A 110 35.51 -31.35 -7.25
C ALA A 110 34.82 -29.99 -7.32
N ILE A 111 34.30 -29.64 -8.49
CA ILE A 111 33.69 -28.31 -8.64
C ILE A 111 32.41 -28.23 -7.84
N CYS A 112 31.65 -29.32 -7.74
CA CYS A 112 30.48 -29.31 -6.86
C CYS A 112 30.89 -29.11 -5.41
N VAL A 113 31.98 -29.73 -4.99
CA VAL A 113 32.47 -29.54 -3.62
C VAL A 113 32.81 -28.07 -3.39
N LEU A 114 33.54 -27.47 -4.34
CA LEU A 114 33.88 -26.05 -4.21
C LEU A 114 32.62 -25.19 -4.15
N PHE A 115 31.63 -25.53 -4.97
CA PHE A 115 30.36 -24.81 -4.95
C PHE A 115 29.73 -24.88 -3.57
N ASN A 116 29.75 -26.06 -2.96
CA ASN A 116 29.17 -26.20 -1.62
C ASN A 116 29.94 -25.39 -0.60
N ILE A 117 31.28 -25.40 -0.67
CA ILE A 117 32.05 -24.64 0.31
C ILE A 117 31.77 -23.14 0.17
N ILE A 118 31.75 -22.64 -1.07
CA ILE A 118 31.48 -21.22 -1.24
C ILE A 118 30.05 -20.89 -0.82
N LEU A 119 29.11 -21.83 -1.01
CA LEU A 119 27.75 -21.62 -0.54
C LEU A 119 27.72 -21.47 0.97
N PHE A 120 28.45 -22.34 1.68
CA PHE A 120 28.51 -22.23 3.13
C PHE A 120 29.16 -20.91 3.55
N LEU A 121 30.21 -20.50 2.82
CA LEU A 121 30.88 -19.24 3.12
C LEU A 121 29.92 -18.06 3.00
N VAL A 122 29.17 -18.00 1.89
CA VAL A 122 28.23 -16.90 1.71
C VAL A 122 27.11 -16.99 2.73
N ALA A 123 26.67 -18.20 3.10
CA ALA A 123 25.66 -18.34 4.12
C ALA A 123 26.13 -17.74 5.45
N LEU A 124 27.36 -18.06 5.84
CA LEU A 124 27.90 -17.51 7.08
C LEU A 124 28.08 -15.99 6.98
N CYS A 125 28.52 -15.50 5.83
CA CYS A 125 28.68 -14.06 5.67
C CYS A 125 27.35 -13.34 5.77
N CYS A 126 26.27 -13.97 5.27
CA CYS A 126 24.96 -13.33 5.34
C CYS A 126 24.58 -12.97 6.77
N PHE A 127 25.12 -13.69 7.74
CA PHE A 127 24.91 -13.39 9.16
C PHE A 127 26.02 -12.52 9.74
N LEU A 128 27.26 -12.76 9.33
CA LEU A 128 28.40 -12.09 9.98
C LEU A 128 28.56 -10.65 9.53
N LEU A 129 28.29 -10.35 8.25
CA LEU A 129 28.66 -9.06 7.68
C LEU A 129 27.80 -7.90 8.18
N ARG A 130 26.74 -8.17 8.95
CA ARG A 130 25.82 -7.11 9.35
C ARG A 130 26.53 -5.97 10.05
N GLY A 131 27.64 -6.25 10.73
CA GLY A 131 28.28 -5.22 11.55
C GLY A 131 28.73 -4.02 10.75
N SER A 132 29.28 -4.24 9.56
CA SER A 132 29.89 -3.15 8.80
C SER A 132 28.88 -2.06 8.48
N LEU A 133 27.66 -2.45 8.09
CA LEU A 133 26.68 -1.48 7.60
C LEU A 133 26.37 -0.42 8.66
N GLU A 134 26.54 -0.74 9.93
CA GLU A 134 26.07 0.15 10.99
C GLU A 134 26.75 1.51 10.92
N ASN A 135 28.08 1.53 10.87
CA ASN A 135 28.80 2.80 10.92
C ASN A 135 28.46 3.66 9.71
N THR A 136 28.45 3.06 8.52
CA THR A 136 28.17 3.83 7.32
C THR A 136 26.74 4.37 7.34
N LEU A 137 25.79 3.55 7.80
CA LEU A 137 24.42 4.04 7.90
C LEU A 137 24.31 5.19 8.88
N GLY A 138 24.99 5.10 10.02
CA GLY A 138 24.95 6.18 10.99
C GLY A 138 25.54 7.46 10.42
N GLN A 139 26.68 7.35 9.74
CA GLN A 139 27.29 8.54 9.15
C GLN A 139 26.38 9.16 8.10
N GLY A 140 25.76 8.32 7.26
CA GLY A 140 24.84 8.85 6.27
C GLY A 140 23.65 9.55 6.90
N LEU A 141 23.10 8.97 7.96
CA LEU A 141 21.98 9.60 8.65
C LEU A 141 22.39 10.93 9.25
N LYS A 142 23.58 11.00 9.85
CA LYS A 142 24.06 12.26 10.39
C LYS A 142 24.20 13.31 9.30
N ASN A 143 24.76 12.92 8.15
CA ASN A 143 24.89 13.87 7.04
C ASN A 143 23.51 14.35 6.58
N GLY A 144 22.56 13.44 6.47
CA GLY A 144 21.21 13.84 6.06
C GLY A 144 20.58 14.80 7.05
N MET A 145 20.74 14.52 8.35
CA MET A 145 20.23 15.41 9.37
C MET A 145 20.85 16.79 9.24
N LYS A 146 22.17 16.84 9.03
CA LYS A 146 22.84 18.13 8.85
C LYS A 146 22.25 18.88 7.67
N TYR A 147 22.07 18.19 6.54
CA TYR A 147 21.53 18.85 5.35
C TYR A 147 20.02 19.03 5.41
N TYR A 148 19.37 18.60 6.50
CA TYR A 148 17.91 18.69 6.59
C TYR A 148 17.43 20.13 6.43
N ARG A 149 18.06 21.07 7.14
CA ARG A 149 17.51 22.42 7.21
C ARG A 149 17.57 23.13 5.85
N ASP A 150 18.70 23.03 5.16
CA ASP A 150 18.92 23.80 3.93
C ASP A 150 18.26 23.09 2.75
N THR A 151 16.93 23.19 2.70
CA THR A 151 16.18 22.56 1.62
C THR A 151 16.44 23.25 0.29
N ASP A 152 16.46 24.58 0.28
CA ASP A 152 16.56 25.32 -0.98
C ASP A 152 17.86 25.08 -1.71
N THR A 153 18.89 24.56 -1.04
CA THR A 153 20.17 24.37 -1.69
C THR A 153 20.02 23.36 -2.83
N PRO A 154 20.66 23.60 -3.98
CA PRO A 154 20.58 22.62 -5.08
C PRO A 154 21.19 21.30 -4.68
N GLY A 155 20.60 20.21 -5.19
CA GLY A 155 21.10 18.89 -4.92
C GLY A 155 20.95 18.47 -3.48
N ARG A 156 20.13 19.21 -2.72
CA ARG A 156 19.90 18.89 -1.32
C ARG A 156 18.44 18.98 -0.92
N SER A 157 17.56 19.58 -1.72
CA SER A 157 16.16 19.71 -1.34
C SER A 157 15.54 18.35 -1.04
N PHE A 158 15.94 17.33 -1.78
CA PHE A 158 15.37 16.00 -1.58
C PHE A 158 15.68 15.44 -0.20
N MET A 159 16.70 15.97 0.48
CA MET A 159 17.13 15.37 1.74
C MET A 159 16.04 15.46 2.80
N LYS A 160 15.40 16.63 2.92
CA LYS A 160 14.37 16.80 3.93
C LYS A 160 13.22 15.83 3.69
N LYS A 161 12.76 15.73 2.44
CA LYS A 161 11.68 14.81 2.13
C LYS A 161 12.08 13.37 2.43
N THR A 162 13.31 12.98 2.05
CA THR A 162 13.75 11.61 2.29
C THR A 162 13.77 11.31 3.78
N ILE A 163 14.33 12.23 4.58
CA ILE A 163 14.42 12.00 6.02
C ILE A 163 13.03 11.88 6.62
N ASP A 164 12.13 12.79 6.24
CA ASP A 164 10.80 12.77 6.83
C ASP A 164 10.05 11.50 6.46
N MET A 165 10.12 11.09 5.18
CA MET A 165 9.45 9.87 4.77
C MET A 165 10.03 8.66 5.49
N LEU A 166 11.36 8.61 5.62
CA LEU A 166 11.98 7.49 6.31
C LEU A 166 11.49 7.42 7.75
N GLN A 167 11.47 8.55 8.45
CA GLN A 167 10.99 8.56 9.83
C GLN A 167 9.53 8.11 9.89
N ILE A 168 8.70 8.62 8.99
CA ILE A 168 7.28 8.28 9.02
C ILE A 168 7.08 6.79 8.82
N GLU A 169 7.79 6.21 7.84
CA GLU A 169 7.55 4.82 7.47
C GLU A 169 8.31 3.83 8.33
N PHE A 170 9.28 4.28 9.14
CA PHE A 170 10.01 3.37 10.01
C PHE A 170 9.79 3.64 11.49
N LYS A 171 8.93 4.60 11.84
CA LYS A 171 8.59 4.86 13.24
C LYS A 171 9.83 5.23 14.04
N CYS A 172 10.83 5.79 13.39
CA CYS A 172 12.07 6.19 14.04
C CYS A 172 12.08 7.70 14.27
N CYS A 173 13.11 8.15 15.00
CA CYS A 173 13.27 9.58 15.27
C CYS A 173 14.76 9.85 15.43
N GLY A 174 15.38 10.36 14.36
CA GLY A 174 16.77 10.77 14.43
C GLY A 174 17.72 9.60 14.61
N ASN A 175 18.99 9.95 14.81
CA ASN A 175 20.02 8.94 15.00
C ASN A 175 19.77 8.10 16.25
N ASN A 176 19.43 8.77 17.36
CA ASN A 176 19.28 8.06 18.64
C ASN A 176 18.06 8.54 19.42
N GLY A 177 17.12 9.25 18.79
CA GLY A 177 15.95 9.72 19.50
C GLY A 177 15.64 11.18 19.17
N PHE A 178 15.62 12.02 20.20
CA PHE A 178 15.37 13.44 20.00
C PHE A 178 16.48 14.33 20.57
N ARG A 179 17.42 13.78 21.32
CA ARG A 179 18.53 14.60 21.81
C ARG A 179 19.37 15.13 20.65
N ASP A 180 19.60 14.29 19.63
CA ASP A 180 20.31 14.75 18.45
C ASP A 180 19.53 15.85 17.75
N TRP A 181 18.20 15.70 17.66
CA TRP A 181 17.39 16.75 17.06
C TRP A 181 17.54 18.06 17.82
N PHE A 182 17.54 17.99 19.15
CA PHE A 182 17.78 19.19 19.95
C PHE A 182 19.14 19.79 19.61
N GLU A 183 20.16 18.95 19.51
CA GLU A 183 21.52 19.44 19.29
C GLU A 183 21.64 20.14 17.93
N ILE A 184 21.07 19.56 16.88
CA ILE A 184 21.27 20.02 15.52
C ILE A 184 20.10 20.90 15.09
N GLN A 185 20.41 22.03 14.47
CA GLN A 185 19.37 22.88 13.89
C GLN A 185 18.70 22.17 12.72
N TRP A 186 17.38 22.36 12.60
CA TRP A 186 16.64 21.74 11.50
C TRP A 186 15.64 22.69 10.86
N ILE A 187 15.76 24.00 11.10
CA ILE A 187 14.89 25.00 10.51
C ILE A 187 15.75 25.97 9.70
N SER A 188 15.34 26.22 8.46
CA SER A 188 16.12 27.10 7.60
C SER A 188 16.10 28.53 8.15
N ASN A 189 17.19 29.25 7.92
CA ASN A 189 17.30 30.60 8.44
C ASN A 189 16.24 31.51 7.82
N ARG A 190 15.99 31.37 6.52
CA ARG A 190 15.09 32.29 5.83
C ARG A 190 13.69 32.27 6.44
N TYR A 191 13.19 31.08 6.75
CA TYR A 191 11.87 30.92 7.34
C TYR A 191 11.84 31.25 8.83
N LEU A 192 12.91 31.83 9.36
CA LEU A 192 12.97 32.25 10.75
C LEU A 192 13.11 33.76 10.82
N ASP A 193 12.33 34.38 11.69
CA ASP A 193 12.35 35.84 11.86
C ASP A 193 13.56 36.21 12.72
N PHE A 194 14.56 36.82 12.10
CA PHE A 194 15.75 37.24 12.84
C PHE A 194 15.51 38.47 13.70
N SER A 195 14.46 39.24 13.41
CA SER A 195 14.15 40.40 14.24
C SER A 195 13.47 40.02 15.55
N SER A 196 12.97 38.79 15.66
CA SER A 196 12.30 38.37 16.87
C SER A 196 13.25 38.44 18.06
N LYS A 197 12.77 38.98 19.17
CA LYS A 197 13.61 39.14 20.35
C LYS A 197 14.08 37.78 20.87
N GLU A 198 13.16 36.83 21.00
CA GLU A 198 13.53 35.52 21.52
C GLU A 198 14.49 34.79 20.58
N VAL A 199 14.25 34.90 19.26
CA VAL A 199 15.14 34.25 18.30
C VAL A 199 16.54 34.86 18.39
N LYS A 200 16.62 36.19 18.48
CA LYS A 200 17.91 36.83 18.62
C LYS A 200 18.61 36.39 19.90
N ASP A 201 17.86 36.30 21.01
CA ASP A 201 18.45 35.85 22.26
C ASP A 201 18.98 34.43 22.13
N ARG A 202 18.22 33.55 21.47
CA ARG A 202 18.68 32.18 21.30
C ARG A 202 19.95 32.12 20.46
N ILE A 203 19.98 32.87 19.35
CA ILE A 203 21.15 32.84 18.48
C ILE A 203 22.36 33.40 19.21
N LYS A 204 22.16 34.43 20.03
CA LYS A 204 23.27 34.96 20.82
C LYS A 204 23.75 33.95 21.85
N SER A 205 22.83 33.26 22.51
CA SER A 205 23.22 32.28 23.52
C SER A 205 24.00 31.14 22.90
N ASN A 206 23.54 30.64 21.75
CA ASN A 206 24.22 29.54 21.08
C ASN A 206 25.48 30.03 20.39
N VAL A 207 26.56 29.26 20.52
CA VAL A 207 27.82 29.61 19.88
C VAL A 207 27.72 29.35 18.38
N ASP A 208 28.52 30.08 17.62
CA ASP A 208 28.55 29.94 16.15
C ASP A 208 27.18 30.23 15.56
N GLY A 209 26.44 31.13 16.19
CA GLY A 209 25.11 31.47 15.70
C GLY A 209 24.24 30.23 15.64
N ARG A 210 23.50 30.10 14.52
CA ARG A 210 22.62 28.96 14.31
C ARG A 210 21.51 28.94 15.36
N TYR A 211 20.41 28.27 15.04
CA TYR A 211 19.22 28.26 15.88
C TYR A 211 18.99 26.85 16.40
N LEU A 212 19.14 26.66 17.71
CA LEU A 212 18.98 25.36 18.35
C LEU A 212 17.87 25.47 19.39
N VAL A 213 16.76 24.79 19.14
CA VAL A 213 15.63 24.74 20.06
C VAL A 213 15.27 23.28 20.27
N ASP A 214 15.05 22.91 21.53
CA ASP A 214 14.74 21.51 21.86
C ASP A 214 13.37 21.17 21.27
N GLY A 215 13.38 20.42 20.18
CA GLY A 215 12.15 20.02 19.53
C GLY A 215 12.46 19.05 18.41
N VAL A 216 11.40 18.56 17.78
CA VAL A 216 11.54 17.57 16.72
C VAL A 216 10.57 17.89 15.59
N PRO A 217 10.89 17.44 14.38
CA PRO A 217 9.94 17.58 13.28
C PRO A 217 8.74 16.68 13.47
N PHE A 218 7.65 17.02 12.79
CA PHE A 218 6.39 16.31 12.99
C PHE A 218 6.56 14.81 12.81
N SER A 219 7.45 14.39 11.91
CA SER A 219 7.61 12.96 11.65
C SER A 219 7.98 12.19 12.91
N CYS A 220 8.73 12.82 13.82
CA CYS A 220 9.14 12.13 15.03
C CYS A 220 7.95 11.78 15.93
N CYS A 221 6.79 12.38 15.71
CA CYS A 221 5.64 12.15 16.56
C CYS A 221 5.13 10.72 16.43
N ASN A 222 4.54 10.23 17.52
CA ASN A 222 4.00 8.87 17.58
C ASN A 222 2.48 8.93 17.48
N PRO A 223 1.85 8.30 16.48
CA PRO A 223 0.39 8.37 16.40
C PRO A 223 -0.32 7.87 17.64
N SER A 224 0.23 6.84 18.29
CA SER A 224 -0.46 6.19 19.40
C SER A 224 -0.56 7.07 20.64
N SER A 225 0.15 8.19 20.69
CA SER A 225 0.14 9.02 21.88
C SER A 225 -1.27 9.55 22.13
N PRO A 226 -1.82 9.38 23.33
CA PRO A 226 -3.16 9.95 23.59
C PRO A 226 -3.22 11.46 23.39
N ARG A 227 -2.16 12.17 23.76
CA ARG A 227 -2.11 13.61 23.57
C ARG A 227 -1.69 13.95 22.14
N PRO A 228 -2.01 15.16 21.68
CA PRO A 228 -1.37 15.65 20.45
C PRO A 228 0.12 15.77 20.66
N CYS A 229 0.89 15.26 19.71
CA CYS A 229 2.33 15.17 19.89
C CYS A 229 2.93 16.54 20.17
N ILE A 230 3.81 16.59 21.15
CA ILE A 230 4.49 17.82 21.53
C ILE A 230 5.83 17.87 20.79
N GLN A 231 6.07 18.96 20.07
CA GLN A 231 7.27 19.11 19.27
C GLN A 231 8.13 20.29 19.69
N TYR A 232 7.69 21.10 20.65
CA TYR A 232 8.44 22.25 21.10
C TYR A 232 8.33 22.36 22.62
N GLN A 233 9.37 22.92 23.23
CA GLN A 233 9.44 23.02 24.69
C GLN A 233 9.28 21.65 25.34
N ILE A 234 9.74 20.61 24.64
CA ILE A 234 9.57 19.25 25.16
C ILE A 234 10.30 19.10 26.49
N THR A 235 11.52 19.63 26.59
CA THR A 235 12.26 19.53 27.84
C THR A 235 11.61 20.37 28.94
N ASN A 236 10.94 21.47 28.57
CA ASN A 236 10.32 22.33 29.56
C ASN A 236 9.09 21.66 30.15
N ASN A 237 9.25 21.00 31.30
CA ASN A 237 8.16 20.24 31.88
C ASN A 237 6.93 21.12 32.12
N SER A 238 7.14 22.32 32.67
CA SER A 238 6.02 23.20 32.97
C SER A 238 5.37 23.78 31.72
N ALA A 239 5.97 23.60 30.55
CA ALA A 239 5.43 24.21 29.34
C ALA A 239 4.10 23.62 28.91
N HIS A 240 3.68 22.50 29.48
CA HIS A 240 2.43 21.85 29.10
C HIS A 240 1.68 21.46 30.37
N TYR A 241 0.61 20.68 30.19
CA TYR A 241 -0.27 20.27 31.28
C TYR A 241 -0.19 18.77 31.47
N SER A 242 -0.03 18.36 32.73
CA SER A 242 0.04 16.95 33.09
C SER A 242 0.98 16.19 32.14
N TYR A 243 2.24 16.61 32.15
CA TYR A 243 3.23 16.04 31.25
C TYR A 243 4.59 16.07 31.93
N ASP A 244 5.45 15.13 31.52
CA ASP A 244 6.81 15.05 32.04
C ASP A 244 7.65 14.26 31.05
N HIS A 245 8.65 14.91 30.45
CA HIS A 245 9.43 14.24 29.42
C HIS A 245 10.14 13.01 29.97
N GLN A 246 10.60 13.07 31.21
CA GLN A 246 11.29 11.93 31.80
C GLN A 246 10.38 10.72 31.88
N THR A 247 9.12 10.91 32.28
CA THR A 247 8.21 9.80 32.48
C THR A 247 7.58 9.34 31.17
N GLU A 248 6.83 10.24 30.52
CA GLU A 248 6.11 9.87 29.32
C GLU A 248 7.07 9.55 28.19
N GLU A 249 6.74 8.51 27.42
CA GLU A 249 7.58 8.07 26.31
C GLU A 249 6.77 7.93 25.04
N LEU A 250 5.47 7.65 25.17
CA LEU A 250 4.64 7.42 23.99
C LEU A 250 4.54 8.65 23.10
N ASN A 251 4.88 9.83 23.62
CA ASN A 251 4.75 11.04 22.82
C ASN A 251 5.56 10.95 21.54
N LEU A 252 6.81 10.51 21.65
CA LEU A 252 7.70 10.38 20.50
C LEU A 252 8.32 8.99 20.51
N TRP A 253 8.58 8.46 19.32
CA TRP A 253 9.27 7.19 19.22
C TRP A 253 10.64 7.30 19.86
N VAL A 254 10.99 6.32 20.69
CA VAL A 254 12.23 6.37 21.44
C VAL A 254 13.38 5.64 20.75
N ARG A 255 13.09 4.70 19.85
CA ARG A 255 14.14 3.94 19.19
C ARG A 255 14.77 4.78 18.09
N GLY A 256 16.10 4.85 18.10
CA GLY A 256 16.79 5.61 17.08
C GLY A 256 16.64 4.99 15.70
N CYS A 257 16.73 5.85 14.68
CA CYS A 257 16.55 5.36 13.31
C CYS A 257 17.70 4.45 12.90
N ARG A 258 18.92 4.73 13.36
CA ARG A 258 20.02 3.83 13.11
C ARG A 258 19.67 2.43 13.58
N ALA A 259 19.21 2.31 14.84
CA ALA A 259 18.86 1.01 15.38
C ALA A 259 17.70 0.37 14.63
N ALA A 260 16.69 1.17 14.27
CA ALA A 260 15.53 0.63 13.57
C ALA A 260 15.92 0.05 12.22
N LEU A 261 16.66 0.83 11.42
CA LEU A 261 17.09 0.35 10.12
C LEU A 261 18.01 -0.86 10.25
N LEU A 262 18.91 -0.83 11.24
CA LEU A 262 19.80 -1.97 11.44
C LEU A 262 19.01 -3.22 11.77
N SER A 263 18.01 -3.12 12.66
CA SER A 263 17.22 -4.28 13.01
C SER A 263 16.43 -4.80 11.82
N TYR A 264 15.84 -3.89 11.04
CA TYR A 264 15.06 -4.32 9.88
C TYR A 264 15.95 -5.07 8.89
N TYR A 265 17.08 -4.48 8.52
CA TYR A 265 17.98 -5.14 7.58
C TYR A 265 18.55 -6.41 8.17
N SER A 266 18.75 -6.46 9.48
CA SER A 266 19.24 -7.68 10.12
C SER A 266 18.22 -8.80 10.01
N SER A 267 16.95 -8.50 10.24
CA SER A 267 15.92 -9.51 10.05
C SER A 267 15.88 -9.99 8.60
N LEU A 268 15.97 -9.05 7.66
CA LEU A 268 15.98 -9.44 6.26
C LEU A 268 17.15 -10.36 5.94
N MET A 269 18.35 -10.00 6.39
CA MET A 269 19.53 -10.80 6.10
C MET A 269 19.48 -12.15 6.81
N ASN A 270 18.89 -12.21 8.00
CA ASN A 270 18.75 -13.49 8.68
C ASN A 270 17.81 -14.42 7.93
N SER A 271 16.70 -13.87 7.43
CA SER A 271 15.80 -14.68 6.60
C SER A 271 16.53 -15.17 5.36
N MET A 272 17.29 -14.29 4.71
CA MET A 272 18.04 -14.70 3.54
C MET A 272 19.04 -15.78 3.87
N GLY A 273 19.70 -15.67 5.02
CA GLY A 273 20.65 -16.69 5.44
C GLY A 273 19.99 -18.03 5.68
N VAL A 274 18.80 -18.01 6.28
CA VAL A 274 18.07 -19.27 6.50
C VAL A 274 17.73 -19.91 5.16
N VAL A 275 17.25 -19.11 4.21
CA VAL A 275 16.93 -19.64 2.89
C VAL A 275 18.18 -20.23 2.24
N THR A 276 19.29 -19.51 2.34
CA THR A 276 20.54 -19.98 1.74
C THR A 276 21.00 -21.27 2.40
N LEU A 277 20.81 -21.39 3.72
CA LEU A 277 21.18 -22.63 4.41
C LEU A 277 20.34 -23.80 3.93
N LEU A 278 19.04 -23.59 3.73
CA LEU A 278 18.21 -24.65 3.17
C LEU A 278 18.70 -25.05 1.78
N ILE A 279 19.01 -24.06 0.95
CA ILE A 279 19.52 -24.36 -0.38
C ILE A 279 20.84 -25.13 -0.27
N TRP A 280 21.65 -24.79 0.73
CA TRP A 280 22.92 -25.51 0.92
C TRP A 280 22.68 -26.96 1.30
N LEU A 281 21.69 -27.21 2.16
CA LEU A 281 21.32 -28.59 2.46
C LEU A 281 20.93 -29.33 1.18
N PHE A 282 20.11 -28.70 0.35
CA PHE A 282 19.71 -29.34 -0.89
C PHE A 282 20.92 -29.63 -1.78
N GLU A 283 21.83 -28.66 -1.90
CA GLU A 283 22.99 -28.83 -2.77
C GLU A 283 23.90 -29.94 -2.25
N VAL A 284 24.11 -30.01 -0.94
CA VAL A 284 24.97 -31.04 -0.38
C VAL A 284 24.33 -32.41 -0.57
N THR A 285 23.01 -32.50 -0.42
CA THR A 285 22.34 -33.77 -0.70
C THR A 285 22.53 -34.19 -2.16
N ILE A 286 22.41 -33.23 -3.07
CA ILE A 286 22.61 -33.53 -4.49
C ILE A 286 24.04 -34.01 -4.72
N THR A 287 25.01 -33.34 -4.09
CA THR A 287 26.41 -33.75 -4.25
C THR A 287 26.63 -35.16 -3.72
N ILE A 288 26.03 -35.48 -2.57
CA ILE A 288 26.17 -36.82 -2.02
C ILE A 288 25.58 -37.85 -2.98
N GLY A 289 24.42 -37.54 -3.55
CA GLY A 289 23.83 -38.44 -4.53
C GLY A 289 24.73 -38.65 -5.74
N LEU A 290 25.31 -37.57 -6.25
CA LEU A 290 26.21 -37.68 -7.38
C LEU A 290 27.43 -38.53 -7.04
N ARG A 291 28.00 -38.31 -5.85
CA ARG A 291 29.15 -39.10 -5.43
C ARG A 291 28.80 -40.57 -5.34
N TYR A 292 27.63 -40.89 -4.78
CA TYR A 292 27.23 -42.28 -4.67
C TYR A 292 27.01 -42.90 -6.04
N LEU A 293 26.40 -42.14 -6.96
CA LEU A 293 26.19 -42.65 -8.31
C LEU A 293 27.53 -42.93 -9.00
N GLN A 294 28.49 -42.01 -8.85
CA GLN A 294 29.81 -42.22 -9.45
C GLN A 294 30.49 -43.44 -8.85
N THR A 295 30.38 -43.61 -7.53
CA THR A 295 30.99 -44.78 -6.90
C THR A 295 30.35 -46.06 -7.40
N SER A 296 29.02 -46.07 -7.57
CA SER A 296 28.36 -47.25 -8.12
C SER A 296 28.83 -47.54 -9.54
N LEU A 297 28.93 -46.50 -10.36
CA LEU A 297 29.38 -46.69 -11.74
C LEU A 297 30.83 -47.17 -11.79
N ASP A 298 31.64 -46.78 -10.82
CA ASP A 298 33.01 -47.29 -10.76
C ASP A 298 33.03 -48.74 -10.29
N GLY A 299 32.20 -49.07 -9.30
CA GLY A 299 32.19 -50.42 -8.77
C GLY A 299 31.69 -51.44 -9.78
N VAL A 300 30.64 -51.10 -10.52
CA VAL A 300 30.13 -52.01 -11.53
C VAL A 300 31.24 -52.31 -12.54
N SER A 301 31.37 -53.57 -12.92
CA SER A 301 32.44 -53.98 -13.82
C SER A 301 32.42 -53.16 -15.10
N ASN A 302 31.25 -53.03 -15.73
CA ASN A 302 31.07 -52.20 -16.89
C ASN A 302 29.73 -51.47 -16.79
N PRO A 303 29.64 -50.25 -17.30
CA PRO A 303 28.34 -49.57 -17.28
C PRO A 303 27.26 -50.34 -18.01
N GLU A 304 27.61 -51.02 -19.10
CA GLU A 304 26.62 -51.78 -19.86
C GLU A 304 26.02 -52.91 -19.04
N GLU A 305 26.72 -53.39 -18.02
CA GLU A 305 26.18 -54.44 -17.14
C GLU A 305 25.37 -53.81 -16.01
N SER A 306 24.35 -53.04 -16.41
CA SER A 306 23.48 -52.40 -15.43
C SER A 306 22.76 -53.44 -14.58
N GLU A 307 22.38 -54.56 -15.20
CA GLU A 307 21.69 -55.61 -14.45
C GLU A 307 22.58 -56.18 -13.36
N SER A 308 23.88 -56.28 -13.59
CA SER A 308 24.79 -56.79 -12.59
C SER A 308 24.83 -55.88 -11.37
N GLU A 309 25.05 -56.47 -10.21
CA GLU A 309 25.11 -55.71 -8.97
C GLU A 309 26.37 -54.87 -8.92
N SER A 310 26.32 -53.80 -8.12
CA SER A 310 27.44 -52.89 -7.95
C SER A 310 27.49 -52.43 -6.51
N GLU A 311 28.55 -51.69 -6.17
CA GLU A 311 28.74 -51.16 -4.83
C GLU A 311 29.03 -49.66 -4.92
N GLY A 312 28.41 -48.90 -4.04
CA GLY A 312 28.64 -47.47 -3.96
C GLY A 312 28.96 -47.06 -2.54
N TRP A 313 29.88 -46.11 -2.41
CA TRP A 313 30.35 -45.68 -1.10
C TRP A 313 30.55 -44.17 -1.13
N LEU A 314 31.15 -43.64 -0.07
CA LEU A 314 31.55 -42.25 0.00
C LEU A 314 33.05 -42.08 -0.18
N LEU A 315 33.84 -42.92 0.50
CA LEU A 315 35.29 -42.94 0.32
C LEU A 315 35.80 -44.27 0.85
N GLU A 316 36.44 -45.06 -0.01
CA GLU A 316 36.96 -46.36 0.37
C GLU A 316 38.40 -46.27 0.88
N LYS A 317 38.88 -45.08 1.20
CA LYS A 317 40.24 -44.87 1.68
C LYS A 317 40.18 -44.38 3.11
N SER A 318 40.99 -44.98 3.98
CA SER A 318 41.02 -44.57 5.38
C SER A 318 41.54 -43.14 5.50
N VAL A 319 41.04 -42.45 6.53
CA VAL A 319 41.43 -41.04 6.72
C VAL A 319 42.94 -40.88 6.79
N PRO A 320 43.68 -41.63 7.62
CA PRO A 320 45.14 -41.46 7.63
C PRO A 320 45.78 -41.73 6.28
N GLU A 321 45.27 -42.72 5.53
CA GLU A 321 45.83 -42.99 4.20
C GLU A 321 45.60 -41.80 3.27
N THR A 322 44.41 -41.21 3.32
CA THR A 322 44.15 -40.02 2.52
C THR A 322 45.04 -38.86 2.96
N TRP A 323 45.39 -38.81 4.24
CA TRP A 323 46.29 -37.77 4.72
C TRP A 323 47.65 -37.87 4.04
N LYS A 324 48.18 -39.10 3.92
CA LYS A 324 49.47 -39.28 3.24
C LYS A 324 49.32 -39.09 1.75
N ALA A 325 48.24 -39.59 1.16
CA ALA A 325 48.05 -39.48 -0.28
C ALA A 325 48.00 -38.01 -0.72
N PHE A 326 47.30 -37.18 0.04
CA PHE A 326 47.24 -35.76 -0.27
C PHE A 326 48.63 -35.13 -0.17
N LEU A 327 49.42 -35.55 0.82
CA LEU A 327 50.74 -34.97 1.00
C LEU A 327 51.63 -35.23 -0.21
N GLU A 328 51.58 -36.43 -0.76
CA GLU A 328 52.40 -36.78 -1.92
C GLU A 328 52.03 -35.91 -3.11
N LEU B 8 -20.92 -30.89 -35.39
CA LEU B 8 -19.97 -30.51 -36.44
C LEU B 8 -18.93 -31.61 -36.65
N VAL B 9 -18.85 -32.12 -37.88
CA VAL B 9 -17.89 -33.16 -38.21
C VAL B 9 -16.48 -32.64 -37.91
N LEU B 10 -15.77 -33.33 -37.02
CA LEU B 10 -14.45 -32.89 -36.58
C LEU B 10 -13.41 -33.89 -37.04
N PRO B 11 -12.56 -33.56 -38.02
CA PRO B 11 -11.49 -34.50 -38.40
C PRO B 11 -10.44 -34.60 -37.31
N LEU B 12 -9.63 -35.66 -37.41
CA LEU B 12 -8.70 -35.99 -36.34
C LEU B 12 -7.65 -34.91 -36.14
N GLN B 13 -7.09 -34.37 -37.23
CA GLN B 13 -6.05 -33.36 -37.09
C GLN B 13 -6.59 -32.08 -36.45
N PRO B 14 -7.70 -31.51 -36.91
CA PRO B 14 -8.30 -30.39 -36.17
C PRO B 14 -8.69 -30.77 -34.76
N ARG B 15 -9.05 -32.03 -34.50
CA ARG B 15 -9.34 -32.44 -33.14
C ARG B 15 -8.11 -32.30 -32.25
N ILE B 16 -6.96 -32.76 -32.75
CA ILE B 16 -5.72 -32.62 -31.98
C ILE B 16 -5.36 -31.16 -31.79
N ARG B 17 -5.50 -30.36 -32.86
CA ARG B 17 -5.17 -28.94 -32.75
C ARG B 17 -6.08 -28.25 -31.74
N LEU B 18 -7.36 -28.59 -31.73
CA LEU B 18 -8.29 -28.00 -30.78
C LEU B 18 -7.98 -28.46 -29.36
N ALA B 19 -7.54 -29.71 -29.20
CA ALA B 19 -7.15 -30.17 -27.87
C ALA B 19 -5.96 -29.37 -27.36
N GLN B 20 -4.97 -29.14 -28.22
CA GLN B 20 -3.82 -28.32 -27.81
C GLN B 20 -4.24 -26.89 -27.49
N GLY B 21 -5.12 -26.32 -28.31
CA GLY B 21 -5.61 -24.98 -28.04
C GLY B 21 -6.36 -24.91 -26.72
N LEU B 22 -7.17 -25.93 -26.42
CA LEU B 22 -7.87 -25.97 -25.16
C LEU B 22 -6.89 -26.09 -24.00
N TRP B 23 -5.83 -26.88 -24.17
CA TRP B 23 -4.82 -26.97 -23.12
C TRP B 23 -4.20 -25.61 -22.82
N LEU B 24 -3.77 -24.90 -23.86
CA LEU B 24 -3.13 -23.61 -23.63
C LEU B 24 -4.13 -22.61 -23.07
N LEU B 25 -5.37 -22.64 -23.56
CA LEU B 25 -6.40 -21.75 -23.05
C LEU B 25 -6.67 -22.01 -21.57
N SER B 26 -6.69 -23.28 -21.18
CA SER B 26 -6.87 -23.61 -19.75
C SER B 26 -5.68 -23.13 -18.94
N TRP B 27 -4.48 -23.18 -19.51
CA TRP B 27 -3.32 -22.59 -18.82
C TRP B 27 -3.54 -21.10 -18.58
N LEU B 28 -3.99 -20.38 -19.61
CA LEU B 28 -4.26 -18.96 -19.43
C LEU B 28 -5.36 -18.74 -18.39
N LEU B 29 -6.36 -19.62 -18.38
CA LEU B 29 -7.46 -19.48 -17.41
C LEU B 29 -6.95 -19.68 -15.99
N ALA B 30 -6.06 -20.65 -15.79
CA ALA B 30 -5.47 -20.85 -14.48
C ALA B 30 -4.66 -19.63 -14.05
N LEU B 31 -3.90 -19.06 -14.99
CA LEU B 31 -3.14 -17.85 -14.68
C LEU B 31 -4.08 -16.70 -14.31
N ALA B 32 -5.20 -16.56 -15.03
CA ALA B 32 -6.16 -15.52 -14.72
C ALA B 32 -6.75 -15.74 -13.34
N GLY B 33 -7.08 -16.98 -13.00
CA GLY B 33 -7.57 -17.28 -11.66
C GLY B 33 -6.56 -16.89 -10.60
N GLY B 34 -5.28 -17.22 -10.84
CA GLY B 34 -4.26 -16.86 -9.87
C GLY B 34 -4.14 -15.35 -9.68
N VAL B 35 -4.12 -14.61 -10.78
CA VAL B 35 -3.94 -13.16 -10.67
C VAL B 35 -5.17 -12.52 -10.02
N ILE B 36 -6.36 -13.01 -10.33
CA ILE B 36 -7.56 -12.43 -9.71
C ILE B 36 -7.60 -12.77 -8.23
N LEU B 37 -7.16 -13.97 -7.85
CA LEU B 37 -7.07 -14.30 -6.43
C LEU B 37 -6.09 -13.37 -5.72
N LEU B 38 -4.94 -13.11 -6.36
CA LEU B 38 -3.96 -12.21 -5.76
C LEU B 38 -4.54 -10.81 -5.60
N CYS B 39 -5.24 -10.31 -6.61
CA CYS B 39 -5.83 -8.98 -6.52
C CYS B 39 -6.89 -8.92 -5.43
N SER B 40 -7.72 -9.97 -5.32
CA SER B 40 -8.73 -10.00 -4.27
C SER B 40 -8.08 -10.00 -2.89
N GLY B 41 -7.02 -10.78 -2.72
CA GLY B 41 -6.30 -10.77 -1.44
C GLY B 41 -5.71 -9.42 -1.14
N HIS B 42 -5.16 -8.75 -2.15
CA HIS B 42 -4.61 -7.42 -1.97
C HIS B 42 -5.70 -6.46 -1.50
N LEU B 43 -6.86 -6.51 -2.14
CA LEU B 43 -7.96 -5.63 -1.75
C LEU B 43 -8.42 -5.94 -0.33
N LEU B 44 -8.48 -7.23 0.04
CA LEU B 44 -8.89 -7.59 1.39
C LEU B 44 -7.92 -7.06 2.42
N VAL B 45 -6.61 -7.24 2.19
CA VAL B 45 -5.63 -6.77 3.16
C VAL B 45 -5.66 -5.25 3.25
N GLN B 46 -5.90 -4.57 2.12
CA GLN B 46 -6.07 -3.12 2.17
C GLN B 46 -7.27 -2.73 3.02
N LEU B 47 -8.38 -3.44 2.85
CA LEU B 47 -9.57 -3.16 3.64
C LEU B 47 -9.39 -3.53 5.10
N ARG B 48 -8.38 -4.33 5.43
CA ARG B 48 -8.16 -4.72 6.82
C ARG B 48 -8.08 -3.49 7.72
N HIS B 49 -7.28 -2.50 7.32
CA HIS B 49 -7.10 -1.27 8.09
C HIS B 49 -7.88 -0.10 7.50
N LEU B 50 -9.00 -0.38 6.82
CA LEU B 50 -9.87 0.65 6.29
C LEU B 50 -11.33 0.48 6.67
N GLY B 51 -11.72 -0.65 7.24
CA GLY B 51 -13.13 -0.87 7.55
C GLY B 51 -13.69 0.19 8.45
N THR B 52 -12.91 0.64 9.43
CA THR B 52 -13.38 1.67 10.34
C THR B 52 -13.85 2.92 9.60
N PHE B 53 -13.23 3.22 8.46
CA PHE B 53 -13.57 4.41 7.69
C PHE B 53 -14.73 4.18 6.74
N LEU B 54 -15.27 2.97 6.66
CA LEU B 54 -16.42 2.67 5.85
C LEU B 54 -17.68 2.70 6.70
N ALA B 55 -18.76 3.24 6.13
CA ALA B 55 -20.01 3.30 6.85
C ALA B 55 -20.46 1.90 7.23
N PRO B 56 -20.99 1.68 8.43
CA PRO B 56 -21.41 0.32 8.81
C PRO B 56 -22.42 -0.26 7.85
N SER B 57 -23.31 0.56 7.29
CA SER B 57 -24.32 0.05 6.37
C SER B 57 -23.74 -0.38 5.04
N CYS B 58 -22.51 0.04 4.72
CA CYS B 58 -21.93 -0.31 3.43
C CYS B 58 -21.65 -1.80 3.35
N GLN B 59 -21.65 -2.32 2.12
CA GLN B 59 -21.41 -3.73 1.86
C GLN B 59 -20.25 -3.94 0.89
N PHE B 60 -19.40 -2.94 0.71
CA PHE B 60 -18.26 -3.09 -0.20
C PHE B 60 -17.37 -4.26 0.16
N PRO B 61 -17.06 -4.54 1.43
CA PRO B 61 -16.13 -5.65 1.73
C PRO B 61 -16.61 -7.00 1.23
N VAL B 62 -17.89 -7.15 0.91
CA VAL B 62 -18.38 -8.43 0.39
C VAL B 62 -17.85 -8.71 -1.01
N LEU B 63 -17.46 -7.67 -1.75
CA LEU B 63 -16.94 -7.90 -3.10
C LEU B 63 -15.65 -8.70 -3.10
N PRO B 64 -14.65 -8.39 -2.27
CA PRO B 64 -13.48 -9.28 -2.20
C PRO B 64 -13.84 -10.70 -1.81
N GLN B 65 -14.79 -10.87 -0.90
CA GLN B 65 -15.19 -12.22 -0.50
C GLN B 65 -15.74 -12.99 -1.69
N ALA B 66 -16.62 -12.36 -2.47
CA ALA B 66 -17.16 -13.02 -3.66
C ALA B 66 -16.07 -13.26 -4.69
N ALA B 67 -15.15 -12.31 -4.86
CA ALA B 67 -14.11 -12.43 -5.86
C ALA B 67 -13.16 -13.57 -5.55
N LEU B 68 -12.90 -13.82 -4.27
CA LEU B 68 -12.05 -14.95 -3.90
C LEU B 68 -12.67 -16.26 -4.39
N ALA B 69 -13.97 -16.45 -4.14
CA ALA B 69 -14.63 -17.66 -4.60
C ALA B 69 -14.64 -17.73 -6.13
N ALA B 70 -14.88 -16.60 -6.80
CA ALA B 70 -14.87 -16.61 -8.26
C ALA B 70 -13.50 -17.02 -8.80
N GLY B 71 -12.43 -16.47 -8.23
CA GLY B 71 -11.10 -16.84 -8.67
C GLY B 71 -10.79 -18.30 -8.38
N ALA B 72 -11.23 -18.80 -7.22
CA ALA B 72 -11.02 -20.21 -6.91
C ALA B 72 -11.72 -21.10 -7.94
N VAL B 73 -12.95 -20.76 -8.30
CA VAL B 73 -13.68 -21.56 -9.29
C VAL B 73 -12.98 -21.48 -10.64
N ALA B 74 -12.50 -20.29 -11.01
CA ALA B 74 -11.79 -20.15 -12.28
C ALA B 74 -10.54 -21.01 -12.30
N LEU B 75 -9.78 -21.00 -11.20
CA LEU B 75 -8.58 -21.83 -11.13
C LEU B 75 -8.93 -23.31 -11.20
N GLY B 76 -10.03 -23.71 -10.55
CA GLY B 76 -10.47 -25.09 -10.65
C GLY B 76 -10.80 -25.49 -12.07
N THR B 77 -11.50 -24.61 -12.80
CA THR B 77 -11.80 -24.89 -14.19
C THR B 77 -10.54 -24.98 -15.03
N GLY B 78 -9.56 -24.11 -14.76
CA GLY B 78 -8.29 -24.20 -15.46
C GLY B 78 -7.58 -25.51 -15.20
N LEU B 79 -7.60 -25.98 -13.95
CA LEU B 79 -6.99 -27.26 -13.63
C LEU B 79 -7.74 -28.40 -14.31
N VAL B 80 -9.06 -28.29 -14.42
CA VAL B 80 -9.83 -29.31 -15.13
C VAL B 80 -9.45 -29.31 -16.60
N GLY B 81 -9.21 -28.13 -17.18
CA GLY B 81 -8.73 -28.08 -18.55
C GLY B 81 -7.37 -28.72 -18.71
N VAL B 82 -6.49 -28.51 -17.73
CA VAL B 82 -5.19 -29.19 -17.74
C VAL B 82 -5.38 -30.70 -17.69
N GLY B 83 -6.31 -31.16 -16.85
CA GLY B 83 -6.62 -32.59 -16.82
C GLY B 83 -7.15 -33.08 -18.15
N ALA B 84 -7.95 -32.26 -18.84
CA ALA B 84 -8.43 -32.61 -20.17
C ALA B 84 -7.27 -32.77 -21.14
N SER B 85 -6.29 -31.86 -21.07
CA SER B 85 -5.11 -31.98 -21.91
C SER B 85 -4.35 -33.26 -21.60
N ARG B 86 -4.22 -33.60 -20.31
CA ARG B 86 -3.56 -34.84 -19.95
C ARG B 86 -4.30 -36.05 -20.49
N ALA B 87 -5.64 -36.02 -20.42
CA ALA B 87 -6.44 -37.12 -20.96
C ALA B 87 -6.26 -37.23 -22.47
N SER B 88 -6.18 -36.09 -23.16
CA SER B 88 -5.88 -36.11 -24.58
C SER B 88 -4.51 -36.75 -24.84
N LEU B 89 -3.53 -36.42 -24.00
CA LEU B 89 -2.22 -37.04 -24.14
C LEU B 89 -2.30 -38.55 -23.95
N ASN B 90 -3.07 -39.01 -22.96
CA ASN B 90 -3.25 -40.42 -22.67
C ASN B 90 -4.72 -40.77 -22.87
N ALA B 91 -5.04 -41.32 -24.04
CA ALA B 91 -6.44 -41.67 -24.32
C ALA B 91 -6.96 -42.68 -23.30
N ALA B 92 -6.15 -43.69 -22.97
CA ALA B 92 -6.58 -44.71 -22.01
C ALA B 92 -6.88 -44.10 -20.65
N LEU B 93 -6.35 -42.91 -20.35
CA LEU B 93 -6.61 -42.27 -19.08
C LEU B 93 -7.95 -41.55 -19.04
N TYR B 94 -8.62 -41.40 -20.18
CA TYR B 94 -9.91 -40.71 -20.22
C TYR B 94 -11.05 -41.60 -19.73
N PRO B 95 -11.16 -42.83 -20.20
CA PRO B 95 -12.30 -43.68 -19.83
C PRO B 95 -12.60 -43.62 -18.34
N PRO B 96 -11.60 -43.80 -17.47
CA PRO B 96 -11.90 -43.68 -16.03
C PRO B 96 -12.43 -42.30 -15.68
N TRP B 97 -12.17 -41.30 -16.51
CA TRP B 97 -12.64 -39.94 -16.33
C TRP B 97 -13.70 -39.59 -17.38
N ARG B 98 -14.53 -40.58 -17.75
CA ARG B 98 -15.61 -40.36 -18.70
C ARG B 98 -16.92 -40.02 -17.99
N GLY B 99 -17.41 -40.93 -17.14
CA GLY B 99 -18.70 -40.71 -16.52
C GLY B 99 -18.73 -39.47 -15.64
N VAL B 100 -17.67 -39.25 -14.86
CA VAL B 100 -17.63 -38.08 -13.98
C VAL B 100 -17.49 -36.80 -14.79
N LEU B 101 -16.91 -36.87 -15.98
CA LEU B 101 -16.55 -35.67 -16.72
C LEU B 101 -17.80 -34.83 -17.05
N GLY B 102 -18.88 -35.47 -17.47
CA GLY B 102 -20.08 -34.77 -17.85
C GLY B 102 -20.65 -33.92 -16.72
N PRO B 103 -21.06 -34.58 -15.63
CA PRO B 103 -21.59 -33.82 -14.49
C PRO B 103 -20.58 -32.84 -13.92
N LEU B 104 -19.29 -33.19 -13.91
CA LEU B 104 -18.29 -32.27 -13.40
C LEU B 104 -18.24 -31.00 -14.25
N LEU B 105 -18.26 -31.14 -15.57
CA LEU B 105 -18.27 -29.99 -16.45
C LEU B 105 -19.53 -29.17 -16.25
N VAL B 106 -20.68 -29.82 -16.12
CA VAL B 106 -21.93 -29.08 -15.95
C VAL B 106 -21.89 -28.26 -14.66
N ALA B 107 -21.46 -28.90 -13.58
CA ALA B 107 -21.37 -28.21 -12.29
C ALA B 107 -20.36 -27.07 -12.36
N GLY B 108 -19.22 -27.30 -13.01
CA GLY B 108 -18.23 -26.25 -13.14
C GLY B 108 -18.76 -25.07 -13.92
N THR B 109 -19.47 -25.33 -15.03
CA THR B 109 -20.06 -24.24 -15.80
C THR B 109 -21.02 -23.45 -14.94
N ALA B 110 -21.95 -24.14 -14.27
CA ALA B 110 -22.93 -23.44 -13.44
C ALA B 110 -22.24 -22.60 -12.38
N GLY B 111 -21.31 -23.19 -11.64
CA GLY B 111 -20.67 -22.48 -10.55
C GLY B 111 -19.84 -21.31 -11.03
N GLY B 112 -19.03 -21.52 -12.06
CA GLY B 112 -18.22 -20.45 -12.59
C GLY B 112 -19.06 -19.31 -13.11
N GLY B 113 -20.09 -19.62 -13.89
CA GLY B 113 -20.95 -18.58 -14.40
C GLY B 113 -21.60 -17.79 -13.28
N GLY B 114 -22.17 -18.48 -12.31
CA GLY B 114 -22.83 -17.78 -11.21
C GLY B 114 -21.86 -16.91 -10.43
N LEU B 115 -20.71 -17.47 -10.05
CA LEU B 115 -19.76 -16.72 -9.24
C LEU B 115 -19.22 -15.51 -9.99
N LEU B 116 -18.84 -15.70 -11.25
CA LEU B 116 -18.28 -14.60 -12.02
C LEU B 116 -19.31 -13.52 -12.29
N VAL B 117 -20.56 -13.92 -12.58
CA VAL B 117 -21.61 -12.93 -12.81
C VAL B 117 -21.88 -12.15 -11.53
N VAL B 118 -21.90 -12.83 -10.38
CA VAL B 118 -22.11 -12.15 -9.12
C VAL B 118 -20.96 -11.17 -8.86
N GLY B 119 -19.73 -11.60 -9.11
CA GLY B 119 -18.60 -10.72 -8.92
C GLY B 119 -18.66 -9.49 -9.81
N LEU B 120 -19.01 -9.68 -11.08
CA LEU B 120 -19.14 -8.55 -11.99
C LEU B 120 -20.24 -7.60 -11.54
N GLY B 121 -21.38 -8.15 -11.13
CA GLY B 121 -22.46 -7.29 -10.65
C GLY B 121 -22.05 -6.49 -9.42
N LEU B 122 -21.36 -7.13 -8.49
CA LEU B 122 -20.88 -6.41 -7.31
C LEU B 122 -19.88 -5.33 -7.70
N ALA B 123 -18.96 -5.65 -8.61
CA ALA B 123 -17.96 -4.68 -9.02
C ALA B 123 -18.60 -3.49 -9.75
N LEU B 124 -19.73 -3.71 -10.41
CA LEU B 124 -20.39 -2.63 -11.13
C LEU B 124 -21.43 -1.89 -10.29
N ALA B 125 -21.86 -2.44 -9.17
CA ALA B 125 -22.86 -1.82 -8.32
C ALA B 125 -22.30 -1.21 -7.04
N LEU B 126 -21.56 -2.01 -6.26
CA LEU B 126 -21.11 -1.54 -4.95
C LEU B 126 -20.33 -0.22 -5.01
N PRO B 127 -19.41 -0.01 -5.95
CA PRO B 127 -18.58 1.20 -5.89
C PRO B 127 -19.36 2.49 -5.84
N GLY B 128 -20.57 2.52 -6.40
CA GLY B 128 -21.36 3.75 -6.34
C GLY B 128 -21.62 4.21 -4.92
N SER B 129 -21.91 3.27 -4.01
CA SER B 129 -22.22 3.63 -2.64
C SER B 129 -20.98 4.09 -1.86
N LEU B 130 -19.78 3.86 -2.40
CA LEU B 130 -18.57 4.20 -1.66
C LEU B 130 -18.54 5.68 -1.30
N ASP B 131 -19.10 6.54 -2.15
CA ASP B 131 -19.08 7.97 -1.88
C ASP B 131 -19.70 8.25 -0.52
N GLU B 132 -20.99 7.96 -0.38
CA GLU B 132 -21.66 8.22 0.89
C GLU B 132 -21.10 7.36 2.01
N ALA B 133 -20.63 6.16 1.70
CA ALA B 133 -20.04 5.31 2.73
C ALA B 133 -18.87 6.01 3.39
N LEU B 134 -17.91 6.49 2.59
CA LEU B 134 -16.78 7.23 3.13
C LEU B 134 -17.24 8.52 3.78
N GLU B 135 -18.21 9.21 3.15
CA GLU B 135 -18.73 10.44 3.71
C GLU B 135 -19.13 10.25 5.17
N GLU B 136 -19.86 9.18 5.46
CA GLU B 136 -20.29 8.92 6.82
C GLU B 136 -19.14 8.40 7.68
N GLY B 137 -18.33 7.49 7.14
CA GLY B 137 -17.33 6.83 7.96
C GLY B 137 -16.24 7.76 8.45
N LEU B 138 -15.74 8.62 7.56
CA LEU B 138 -14.68 9.55 7.97
C LEU B 138 -15.18 10.53 9.02
N VAL B 139 -16.43 11.00 8.86
CA VAL B 139 -17.01 11.88 9.88
C VAL B 139 -17.09 11.15 11.21
N THR B 140 -17.53 9.89 11.20
CA THR B 140 -17.60 9.14 12.44
C THR B 140 -16.22 9.03 13.08
N ALA B 141 -15.20 8.69 12.28
CA ALA B 141 -13.86 8.54 12.82
C ALA B 141 -13.36 9.86 13.42
N LEU B 142 -13.55 10.97 12.70
CA LEU B 142 -13.10 12.26 13.22
C LEU B 142 -13.82 12.61 14.52
N ALA B 143 -15.14 12.39 14.55
CA ALA B 143 -15.87 12.65 15.79
C ALA B 143 -15.37 11.79 16.93
N HIS B 144 -14.87 10.60 16.63
CA HIS B 144 -14.30 9.73 17.65
C HIS B 144 -12.81 9.93 17.84
N TYR B 145 -12.20 10.90 17.13
CA TYR B 145 -10.78 11.16 17.29
C TYR B 145 -10.46 11.61 18.71
N LYS B 146 -11.28 12.50 19.28
CA LYS B 146 -10.94 13.12 20.55
C LYS B 146 -10.84 12.09 21.67
N ASP B 147 -11.78 11.14 21.72
CA ASP B 147 -11.87 10.21 22.83
C ASP B 147 -10.86 9.08 22.64
N THR B 148 -9.60 9.40 22.92
CA THR B 148 -8.54 8.40 22.88
C THR B 148 -8.49 7.55 24.15
N GLU B 149 -9.15 8.00 25.22
CA GLU B 149 -9.14 7.27 26.48
C GLU B 149 -10.35 6.37 26.64
N VAL B 150 -11.51 6.79 26.12
CA VAL B 150 -12.73 6.00 26.32
C VAL B 150 -12.56 4.64 25.66
N PRO B 151 -12.91 3.54 26.33
CA PRO B 151 -12.76 2.22 25.69
C PRO B 151 -13.77 2.04 24.56
N GLY B 152 -13.40 1.18 23.61
CA GLY B 152 -14.21 0.93 22.45
C GLY B 152 -13.92 1.86 21.28
N HIS B 153 -13.10 2.88 21.48
CA HIS B 153 -12.72 3.78 20.40
C HIS B 153 -11.25 4.17 20.45
N CYS B 154 -10.46 3.53 21.32
CA CYS B 154 -9.06 3.91 21.46
C CYS B 154 -8.32 3.86 20.14
N GLN B 155 -8.70 2.93 19.26
CA GLN B 155 -8.01 2.79 17.98
C GLN B 155 -8.36 3.90 17.00
N ALA B 156 -9.34 4.74 17.31
CA ALA B 156 -9.75 5.78 16.37
C ALA B 156 -8.60 6.71 16.02
N LYS B 157 -7.93 7.24 17.05
CA LYS B 157 -6.85 8.20 16.82
C LYS B 157 -5.72 7.56 16.00
N ARG B 158 -5.28 6.37 16.41
CA ARG B 158 -4.19 5.72 15.72
C ARG B 158 -4.55 5.44 14.27
N LEU B 159 -5.75 4.92 14.03
CA LEU B 159 -6.15 4.58 12.68
C LEU B 159 -6.25 5.83 11.80
N VAL B 160 -6.83 6.91 12.34
CA VAL B 160 -6.95 8.14 11.56
C VAL B 160 -5.57 8.68 11.21
N ASP B 161 -4.66 8.70 12.19
CA ASP B 161 -3.33 9.23 11.93
C ASP B 161 -2.59 8.36 10.91
N GLU B 162 -2.71 7.04 11.03
CA GLU B 162 -2.06 6.17 10.07
C GLU B 162 -2.62 6.37 8.67
N LEU B 163 -3.95 6.51 8.55
CA LEU B 163 -4.55 6.80 7.26
C LEU B 163 -3.97 8.09 6.67
N GLN B 164 -3.97 9.16 7.46
CA GLN B 164 -3.46 10.44 6.96
C GLN B 164 -2.02 10.29 6.48
N LEU B 165 -1.16 9.72 7.33
CA LEU B 165 0.25 9.61 6.98
C LEU B 165 0.46 8.75 5.74
N ARG B 166 -0.25 7.63 5.65
CA ARG B 166 -0.04 6.70 4.56
C ARG B 166 -0.51 7.29 3.23
N TYR B 167 -1.71 7.86 3.21
CA TYR B 167 -2.33 8.27 1.95
C TYR B 167 -2.25 9.78 1.71
N HIS B 168 -1.41 10.49 2.47
CA HIS B 168 -1.08 11.88 2.16
C HIS B 168 -2.37 12.72 2.02
N CYS B 169 -3.11 12.81 3.12
CA CYS B 169 -4.42 13.46 3.08
C CYS B 169 -4.71 14.10 4.42
N CYS B 170 -5.68 15.01 4.42
CA CYS B 170 -6.11 15.70 5.62
C CYS B 170 -7.63 15.79 5.62
N GLY B 171 -8.27 15.21 6.63
CA GLY B 171 -9.71 15.23 6.71
C GLY B 171 -10.35 14.62 5.46
N ARG B 172 -11.68 14.66 5.45
CA ARG B 172 -12.42 14.13 4.31
C ARG B 172 -12.04 14.88 3.04
N HIS B 173 -12.35 16.18 3.01
CA HIS B 173 -11.95 17.08 1.95
C HIS B 173 -11.38 18.33 2.60
N GLY B 174 -10.08 18.54 2.46
CA GLY B 174 -9.46 19.72 3.02
C GLY B 174 -9.21 19.59 4.51
N TYR B 175 -8.74 20.70 5.09
CA TYR B 175 -8.26 20.71 6.46
C TYR B 175 -8.88 21.83 7.29
N LYS B 176 -9.31 22.91 6.63
CA LYS B 176 -9.62 24.15 7.33
C LYS B 176 -10.57 23.94 8.51
N ASP B 177 -11.82 23.56 8.21
CA ASP B 177 -12.81 23.44 9.27
C ASP B 177 -12.56 22.26 10.19
N TRP B 178 -11.40 21.59 10.06
CA TRP B 178 -10.95 20.75 11.15
C TRP B 178 -10.91 21.55 12.44
N PHE B 179 -10.66 22.86 12.33
CA PHE B 179 -10.70 23.72 13.52
C PHE B 179 -12.04 23.58 14.24
N GLY B 180 -13.10 23.27 13.49
CA GLY B 180 -14.43 23.14 14.04
C GLY B 180 -14.75 21.83 14.74
N VAL B 181 -13.81 20.88 14.77
CA VAL B 181 -14.01 19.63 15.50
C VAL B 181 -12.89 19.49 16.52
N GLN B 182 -13.27 19.25 17.77
CA GLN B 182 -12.28 19.07 18.82
C GLN B 182 -11.52 17.77 18.58
N TRP B 183 -10.19 17.83 18.69
CA TRP B 183 -9.33 16.69 18.42
C TRP B 183 -8.31 16.46 19.54
N VAL B 184 -8.52 17.08 20.70
CA VAL B 184 -7.68 16.86 21.87
C VAL B 184 -8.58 16.53 23.04
N SER B 185 -8.31 15.40 23.69
CA SER B 185 -9.17 14.95 24.79
C SER B 185 -9.16 15.99 25.91
N SER B 186 -10.36 16.32 26.40
CA SER B 186 -10.47 17.33 27.44
C SER B 186 -9.65 16.96 28.66
N ARG B 187 -9.41 15.66 28.87
CA ARG B 187 -8.62 15.24 30.03
C ARG B 187 -7.27 15.92 30.06
N TYR B 188 -6.71 16.25 28.89
CA TYR B 188 -5.38 16.85 28.81
C TYR B 188 -5.43 18.37 28.73
N LEU B 189 -6.61 18.97 28.87
CA LEU B 189 -6.71 20.42 28.92
C LEU B 189 -6.49 20.91 30.35
N ASP B 190 -5.73 22.00 30.48
CA ASP B 190 -5.48 22.59 31.79
C ASP B 190 -6.65 23.49 32.17
N PRO B 191 -7.38 23.20 33.26
CA PRO B 191 -8.50 24.07 33.64
C PRO B 191 -8.07 25.49 33.99
N GLY B 192 -6.79 25.71 34.29
CA GLY B 192 -6.31 27.01 34.71
C GLY B 192 -6.04 28.00 33.61
N ASP B 193 -6.31 27.66 32.35
CA ASP B 193 -6.04 28.54 31.23
C ASP B 193 -7.25 29.41 30.97
N ARG B 194 -7.09 30.73 31.13
CA ARG B 194 -8.20 31.65 30.91
C ARG B 194 -8.69 31.60 29.47
N ASP B 195 -7.76 31.51 28.52
CA ASP B 195 -8.16 31.44 27.12
C ASP B 195 -8.97 30.16 26.84
N VAL B 196 -8.53 29.04 27.39
CA VAL B 196 -9.26 27.79 27.19
C VAL B 196 -10.65 27.89 27.79
N ALA B 197 -10.75 28.43 29.01
CA ALA B 197 -12.06 28.59 29.64
C ALA B 197 -12.96 29.49 28.81
N ASP B 198 -12.41 30.60 28.30
CA ASP B 198 -13.19 31.52 27.50
C ASP B 198 -13.69 30.85 26.22
N ARG B 199 -12.81 30.09 25.56
CA ARG B 199 -13.24 29.38 24.34
C ARG B 199 -14.33 28.37 24.66
N ILE B 200 -14.19 27.64 25.76
CA ILE B 200 -15.20 26.66 26.13
C ILE B 200 -16.54 27.33 26.36
N GLN B 201 -16.54 28.46 27.10
CA GLN B 201 -17.79 29.17 27.36
C GLN B 201 -18.38 29.72 26.07
N SER B 202 -17.54 30.30 25.21
CA SER B 202 -18.05 30.91 23.98
C SER B 202 -18.68 29.87 23.08
N ASN B 203 -17.95 28.79 22.78
CA ASN B 203 -18.47 27.77 21.90
C ASN B 203 -19.59 27.00 22.60
N VAL B 204 -20.67 26.74 21.87
CA VAL B 204 -21.78 25.98 22.42
C VAL B 204 -21.40 24.50 22.52
N GLU B 205 -22.10 23.79 23.39
CA GLU B 205 -21.90 22.37 23.68
C GLU B 205 -20.62 22.10 24.45
N GLY B 206 -19.82 23.13 24.75
CA GLY B 206 -18.60 22.94 25.49
C GLY B 206 -17.45 22.36 24.69
N LEU B 207 -17.63 22.12 23.40
CA LEU B 207 -16.55 21.57 22.59
C LEU B 207 -15.41 22.56 22.49
N TYR B 208 -14.18 22.04 22.50
CA TYR B 208 -12.98 22.85 22.40
C TYR B 208 -12.54 22.89 20.94
N LEU B 209 -12.74 24.04 20.30
CA LEU B 209 -12.38 24.25 18.91
C LEU B 209 -11.16 25.17 18.84
N THR B 210 -10.11 24.71 18.17
CA THR B 210 -8.86 25.45 18.09
C THR B 210 -8.42 25.52 16.64
N ASP B 211 -7.81 26.64 16.26
CA ASP B 211 -7.30 26.84 14.91
C ASP B 211 -5.98 26.08 14.79
N GLY B 212 -6.11 24.77 14.65
CA GLY B 212 -4.93 23.91 14.55
C GLY B 212 -5.31 22.56 13.97
N VAL B 213 -4.28 21.75 13.76
CA VAL B 213 -4.45 20.43 13.15
C VAL B 213 -3.48 19.46 13.79
N PRO B 214 -3.72 18.15 13.71
CA PRO B 214 -2.77 17.18 14.26
C PRO B 214 -1.57 17.00 13.35
N PHE B 215 -0.49 16.51 13.96
CA PHE B 215 0.78 16.40 13.24
C PHE B 215 0.63 15.62 11.94
N SER B 216 -0.21 14.59 11.93
CA SER B 216 -0.31 13.74 10.75
C SER B 216 -0.73 14.54 9.52
N CYS B 217 -1.34 15.70 9.73
CA CYS B 217 -1.81 16.52 8.60
C CYS B 217 -0.67 17.20 7.85
N CYS B 218 0.56 17.15 8.37
CA CYS B 218 1.66 17.87 7.75
C CYS B 218 2.09 17.20 6.45
N ASN B 219 2.93 17.91 5.69
CA ASN B 219 3.45 17.44 4.42
C ASN B 219 4.97 17.40 4.47
N PRO B 220 5.62 16.27 4.19
CA PRO B 220 7.10 16.28 4.17
C PRO B 220 7.67 17.21 3.12
N HIS B 221 6.97 17.43 2.01
CA HIS B 221 7.48 18.28 0.95
C HIS B 221 7.66 19.72 1.40
N SER B 222 7.06 20.10 2.51
CA SER B 222 7.10 21.49 2.97
C SER B 222 8.54 21.94 3.17
N PRO B 223 8.99 23.01 2.50
CA PRO B 223 10.34 23.53 2.81
C PRO B 223 10.49 23.99 4.24
N ARG B 224 9.42 24.53 4.83
CA ARG B 224 9.46 25.00 6.21
C ARG B 224 9.01 23.90 7.16
N PRO B 225 9.34 24.00 8.44
CA PRO B 225 8.77 23.07 9.42
C PRO B 225 7.25 23.21 9.45
N CYS B 226 6.57 22.10 9.69
CA CYS B 226 5.12 22.09 9.65
C CYS B 226 4.55 23.04 10.69
N LEU B 227 3.45 23.70 10.32
CA LEU B 227 2.73 24.62 11.20
C LEU B 227 1.43 23.96 11.64
N GLN B 228 1.16 23.98 12.94
CA GLN B 228 0.00 23.28 13.48
C GLN B 228 -0.74 24.12 14.51
N ASN B 229 -0.74 25.44 14.36
CA ASN B 229 -1.46 26.30 15.27
C ASN B 229 -1.56 27.70 14.67
N ARG B 230 -2.67 28.38 14.96
CA ARG B 230 -2.89 29.73 14.48
C ARG B 230 -2.76 29.81 12.97
N LEU B 231 -3.28 28.79 12.28
CA LEU B 231 -3.19 28.76 10.82
C LEU B 231 -4.10 29.78 10.17
N SER B 232 -5.10 30.30 10.88
CA SER B 232 -6.04 31.25 10.29
C SER B 232 -5.46 32.65 10.17
N ASP B 233 -4.47 33.00 10.99
CA ASP B 233 -3.90 34.34 10.99
C ASP B 233 -2.76 34.42 9.98
N SER B 234 -2.73 35.52 9.22
CA SER B 234 -1.71 35.70 8.20
C SER B 234 -0.35 36.01 8.83
N TYR B 235 -0.34 36.76 9.92
CA TYR B 235 0.90 37.20 10.55
C TYR B 235 1.34 36.28 11.69
N ALA B 236 0.63 35.19 11.93
CA ALA B 236 0.99 34.30 13.03
C ALA B 236 2.39 33.71 12.85
N HIS B 237 2.90 33.66 11.63
CA HIS B 237 4.20 33.09 11.34
C HIS B 237 4.91 33.96 10.32
N PRO B 238 6.24 33.85 10.22
CA PRO B 238 6.98 34.81 9.40
C PRO B 238 6.54 34.87 7.94
N LEU B 239 6.15 33.75 7.34
CA LEU B 239 5.89 33.70 5.91
C LEU B 239 4.55 33.12 5.52
N PHE B 240 3.82 32.46 6.40
CA PHE B 240 2.54 31.89 6.00
C PHE B 240 1.55 33.00 5.69
N ASP B 241 0.58 32.67 4.84
CA ASP B 241 -0.49 33.60 4.47
C ASP B 241 -1.68 32.78 4.02
N PRO B 242 -2.86 33.40 3.90
CA PRO B 242 -4.02 32.65 3.38
C PRO B 242 -3.81 32.14 1.97
N ARG B 243 -2.89 32.75 1.22
CA ARG B 243 -2.59 32.26 -0.12
C ARG B 243 -2.15 30.81 -0.05
N GLN B 244 -2.65 30.01 -1.00
CA GLN B 244 -2.43 28.56 -0.97
C GLN B 244 -0.94 28.25 -0.79
N PRO B 245 -0.54 27.72 0.38
CA PRO B 245 0.85 27.32 0.55
C PRO B 245 1.09 25.87 0.19
N ASN B 246 2.10 25.62 -0.65
CA ASN B 246 2.49 24.24 -0.92
C ASN B 246 3.00 23.56 0.34
N GLN B 247 3.55 24.33 1.28
CA GLN B 247 4.17 23.77 2.46
C GLN B 247 3.10 23.42 3.51
N ASN B 248 3.53 23.18 4.75
CA ASN B 248 2.66 22.72 5.83
C ASN B 248 1.74 21.60 5.35
N LEU B 249 0.43 21.80 5.45
CA LEU B 249 -0.52 20.69 5.33
C LEU B 249 -0.66 20.24 3.88
N TRP B 250 -1.27 19.06 3.72
CA TRP B 250 -1.59 18.54 2.40
C TRP B 250 -2.64 19.41 1.72
N ALA B 251 -2.81 19.21 0.42
CA ALA B 251 -3.82 19.93 -0.35
C ALA B 251 -5.10 19.11 -0.47
N GLN B 252 -5.00 17.92 -1.05
CA GLN B 252 -6.17 17.08 -1.26
C GLN B 252 -6.66 16.50 0.06
N GLY B 253 -7.87 15.94 0.02
CA GLY B 253 -8.49 15.40 1.21
C GLY B 253 -8.59 13.90 1.23
N CYS B 254 -8.70 13.32 2.43
CA CYS B 254 -8.76 11.87 2.55
C CYS B 254 -9.92 11.31 1.75
N HIS B 255 -11.15 11.66 2.11
CA HIS B 255 -12.32 11.14 1.40
C HIS B 255 -12.07 11.09 -0.09
N GLU B 256 -11.56 12.18 -0.67
CA GLU B 256 -11.29 12.22 -2.10
C GLU B 256 -10.27 11.15 -2.51
N VAL B 257 -9.13 11.12 -1.83
CA VAL B 257 -8.06 10.20 -2.23
C VAL B 257 -8.52 8.76 -2.08
N LEU B 258 -9.16 8.46 -0.94
CA LEU B 258 -9.65 7.11 -0.69
C LEU B 258 -10.68 6.70 -1.72
N LEU B 259 -11.61 7.60 -2.07
CA LEU B 259 -12.62 7.26 -3.06
C LEU B 259 -11.96 6.97 -4.40
N GLU B 260 -11.01 7.81 -4.82
CA GLU B 260 -10.35 7.59 -6.09
C GLU B 260 -9.61 6.26 -6.10
N HIS B 261 -8.88 5.98 -5.02
CA HIS B 261 -8.08 4.75 -4.96
C HIS B 261 -8.97 3.52 -4.96
N LEU B 262 -10.03 3.52 -4.15
CA LEU B 262 -10.92 2.37 -4.08
C LEU B 262 -11.65 2.17 -5.41
N GLN B 263 -12.07 3.26 -6.06
CA GLN B 263 -12.71 3.12 -7.36
C GLN B 263 -11.74 2.57 -8.39
N ASP B 264 -10.47 2.99 -8.34
CA ASP B 264 -9.49 2.44 -9.26
C ASP B 264 -9.31 0.94 -9.03
N LEU B 265 -9.20 0.53 -7.76
CA LEU B 265 -9.07 -0.89 -7.47
C LEU B 265 -10.30 -1.67 -7.95
N ALA B 266 -11.49 -1.12 -7.71
CA ALA B 266 -12.71 -1.79 -8.13
C ALA B 266 -12.77 -1.91 -9.65
N GLY B 267 -12.37 -0.87 -10.37
CA GLY B 267 -12.38 -0.94 -11.82
C GLY B 267 -11.39 -1.97 -12.36
N THR B 268 -10.19 -2.00 -11.79
CA THR B 268 -9.22 -3.01 -12.20
C THR B 268 -9.74 -4.41 -11.93
N LEU B 269 -10.34 -4.62 -10.76
CA LEU B 269 -10.88 -5.94 -10.43
C LEU B 269 -12.03 -6.31 -11.35
N GLY B 270 -12.88 -5.34 -11.71
CA GLY B 270 -13.96 -5.62 -12.62
C GLY B 270 -13.47 -5.99 -14.01
N SER B 271 -12.45 -5.28 -14.50
CA SER B 271 -11.87 -5.65 -15.79
C SER B 271 -11.27 -7.04 -15.74
N MET B 272 -10.57 -7.37 -14.65
CA MET B 272 -10.02 -8.70 -14.50
C MET B 272 -11.13 -9.74 -14.50
N LEU B 273 -12.23 -9.45 -13.79
CA LEU B 273 -13.36 -10.38 -13.75
C LEU B 273 -13.95 -10.58 -15.13
N ALA B 274 -14.08 -9.50 -15.91
CA ALA B 274 -14.67 -9.61 -17.24
C ALA B 274 -13.79 -10.46 -18.15
N VAL B 275 -12.48 -10.20 -18.14
CA VAL B 275 -11.59 -10.99 -19.00
C VAL B 275 -11.60 -12.46 -18.57
N THR B 276 -11.59 -12.70 -17.25
CA THR B 276 -11.63 -14.07 -16.76
C THR B 276 -12.93 -14.75 -17.17
N PHE B 277 -14.06 -14.02 -17.13
CA PHE B 277 -15.32 -14.61 -17.53
C PHE B 277 -15.32 -14.98 -19.00
N LEU B 278 -14.81 -14.10 -19.86
CA LEU B 278 -14.74 -14.42 -21.28
C LEU B 278 -13.86 -15.64 -21.50
N LEU B 279 -12.69 -15.68 -20.85
CA LEU B 279 -11.78 -16.80 -21.01
C LEU B 279 -12.42 -18.10 -20.53
N GLN B 280 -13.11 -18.05 -19.39
CA GLN B 280 -13.76 -19.24 -18.87
C GLN B 280 -14.86 -19.71 -19.82
N ALA B 281 -15.65 -18.79 -20.34
CA ALA B 281 -16.70 -19.18 -21.27
C ALA B 281 -16.11 -19.89 -22.48
N LEU B 282 -15.03 -19.34 -23.03
CA LEU B 282 -14.39 -19.98 -24.18
C LEU B 282 -13.86 -21.36 -23.80
N VAL B 283 -13.21 -21.47 -22.64
CA VAL B 283 -12.62 -22.75 -22.24
C VAL B 283 -13.70 -23.80 -22.06
N LEU B 284 -14.80 -23.44 -21.39
CA LEU B 284 -15.88 -24.39 -21.17
C LEU B 284 -16.53 -24.79 -22.48
N LEU B 285 -16.73 -23.84 -23.39
CA LEU B 285 -17.29 -24.18 -24.70
C LEU B 285 -16.40 -25.19 -25.40
N GLY B 286 -15.09 -24.93 -25.41
CA GLY B 286 -14.18 -25.86 -26.06
C GLY B 286 -14.17 -27.22 -25.41
N LEU B 287 -14.19 -27.26 -24.08
CA LEU B 287 -14.17 -28.54 -23.38
C LEU B 287 -15.44 -29.33 -23.65
N ARG B 288 -16.60 -28.66 -23.69
CA ARG B 288 -17.84 -29.36 -23.99
C ARG B 288 -17.82 -29.90 -25.41
N TYR B 289 -17.34 -29.11 -26.37
CA TYR B 289 -17.23 -29.61 -27.74
C TYR B 289 -16.30 -30.82 -27.80
N LEU B 290 -15.17 -30.76 -27.10
CA LEU B 290 -14.24 -31.88 -27.09
C LEU B 290 -14.90 -33.13 -26.50
N GLN B 291 -15.64 -32.96 -25.40
CA GLN B 291 -16.28 -34.10 -24.77
C GLN B 291 -17.30 -34.73 -25.69
N THR B 292 -18.17 -33.92 -26.28
CA THR B 292 -19.19 -34.47 -27.18
C THR B 292 -18.57 -35.09 -28.42
N ALA B 293 -17.45 -34.55 -28.89
CA ALA B 293 -16.78 -35.11 -30.06
C ALA B 293 -16.18 -36.47 -29.72
N LEU B 294 -15.47 -36.57 -28.61
CA LEU B 294 -14.84 -37.85 -28.25
C LEU B 294 -15.86 -38.86 -27.75
N GLU B 295 -17.07 -38.43 -27.41
CA GLU B 295 -18.10 -39.39 -27.02
C GLU B 295 -18.38 -40.38 -28.15
N GLY B 296 -18.48 -39.87 -29.39
CA GLY B 296 -18.66 -40.77 -30.51
C GLY B 296 -17.46 -41.67 -30.74
N LEU B 297 -16.25 -41.11 -30.62
CA LEU B 297 -15.04 -41.91 -30.77
C LEU B 297 -14.91 -42.96 -29.67
N GLY B 298 -15.64 -42.81 -28.58
CA GLY B 298 -15.52 -43.75 -27.47
C GLY B 298 -14.28 -43.59 -26.64
N GLY B 299 -13.66 -42.41 -26.65
CA GLY B 299 -12.44 -42.16 -25.92
C GLY B 299 -11.17 -42.52 -26.64
N VAL B 300 -11.25 -42.96 -27.89
CA VAL B 300 -10.09 -43.34 -28.68
C VAL B 300 -9.78 -42.17 -29.60
N ILE B 301 -8.62 -41.54 -29.38
CA ILE B 301 -8.23 -40.39 -30.20
C ILE B 301 -7.87 -40.83 -31.61
N ASP B 302 -7.17 -41.96 -31.73
CA ASP B 302 -6.70 -42.40 -33.05
C ASP B 302 -7.85 -42.66 -34.01
N ALA B 303 -9.04 -42.95 -33.49
CA ALA B 303 -10.18 -43.23 -34.34
C ALA B 303 -10.46 -42.04 -35.26
N GLY B 304 -10.67 -42.34 -36.54
CA GLY B 304 -10.93 -41.30 -37.53
C GLY B 304 -12.33 -41.37 -38.09
N GLY B 305 -13.31 -41.62 -37.23
CA GLY B 305 -14.69 -41.74 -37.65
C GLY B 305 -15.37 -40.43 -37.96
N GLU B 306 -14.71 -39.30 -37.72
CA GLU B 306 -15.27 -37.97 -38.00
C GLU B 306 -16.57 -37.76 -37.23
N THR B 307 -16.44 -37.81 -35.90
CA THR B 307 -17.59 -37.58 -35.03
C THR B 307 -18.06 -36.14 -35.16
N GLN B 308 -19.37 -35.94 -35.00
CA GLN B 308 -19.97 -34.62 -35.07
C GLN B 308 -19.96 -33.99 -33.67
N GLY B 309 -19.42 -32.78 -33.58
CA GLY B 309 -19.37 -32.05 -32.33
C GLY B 309 -20.46 -31.00 -32.28
N TYR B 310 -21.40 -31.18 -31.37
CA TYR B 310 -22.51 -30.25 -31.18
C TYR B 310 -22.59 -29.86 -29.71
N LEU B 311 -22.86 -28.58 -29.45
CA LEU B 311 -22.89 -28.09 -28.08
C LEU B 311 -23.92 -28.83 -27.24
N PHE B 312 -25.13 -29.02 -27.79
CA PHE B 312 -26.18 -29.70 -27.07
C PHE B 312 -26.18 -31.20 -27.39
N PRO B 313 -26.61 -32.03 -26.45
CA PRO B 313 -26.69 -33.47 -26.74
C PRO B 313 -27.65 -33.79 -27.88
N SER B 314 -28.73 -33.02 -28.02
CA SER B 314 -29.71 -33.26 -29.06
C SER B 314 -30.31 -31.91 -29.47
N GLY B 315 -31.43 -31.94 -30.17
CA GLY B 315 -32.05 -30.71 -30.61
C GLY B 315 -32.53 -29.86 -29.46
N LEU B 316 -32.61 -28.55 -29.71
CA LEU B 316 -33.06 -27.63 -28.67
C LEU B 316 -34.48 -27.93 -28.24
N LYS B 317 -35.38 -28.20 -29.20
CA LYS B 317 -36.76 -28.50 -28.85
C LYS B 317 -36.85 -29.72 -27.93
N ASP B 318 -35.92 -30.66 -28.07
CA ASP B 318 -35.90 -31.81 -27.16
C ASP B 318 -35.69 -31.36 -25.72
N MET B 319 -34.80 -30.39 -25.51
CA MET B 319 -34.58 -29.88 -24.16
C MET B 319 -35.84 -29.22 -23.62
N LEU B 320 -36.54 -28.45 -24.46
CA LEU B 320 -37.76 -27.79 -24.01
C LEU B 320 -38.82 -28.82 -23.64
N LYS B 321 -38.99 -29.86 -24.45
CA LYS B 321 -39.99 -30.89 -24.15
C LYS B 321 -39.64 -31.63 -22.87
N THR B 322 -38.36 -31.94 -22.66
CA THR B 322 -37.96 -32.66 -21.46
C THR B 322 -38.25 -31.87 -20.19
N ALA B 323 -38.38 -30.56 -20.29
CA ALA B 323 -38.67 -29.73 -19.13
C ALA B 323 -40.03 -30.08 -18.54
N SER C 1 -2.41 38.85 -7.35
CA SER C 1 -2.23 39.54 -6.08
C SER C 1 -3.32 39.15 -5.10
N GLN C 2 -3.40 39.87 -3.99
CA GLN C 2 -4.42 39.58 -2.98
C GLN C 2 -5.80 39.86 -3.55
N VAL C 3 -6.73 38.94 -3.29
CA VAL C 3 -8.09 39.07 -3.80
C VAL C 3 -8.85 40.11 -2.98
N GLN C 4 -9.78 40.79 -3.64
CA GLN C 4 -10.63 41.78 -3.00
C GLN C 4 -12.09 41.44 -3.26
N LEU C 5 -12.88 41.43 -2.20
CA LEU C 5 -14.31 41.11 -2.27
C LEU C 5 -15.11 42.37 -2.00
N GLN C 6 -16.08 42.66 -2.86
CA GLN C 6 -16.89 43.87 -2.75
C GLN C 6 -18.36 43.48 -2.60
N GLU C 7 -19.02 44.03 -1.59
CA GLU C 7 -20.42 43.76 -1.32
C GLU C 7 -21.27 44.98 -1.66
N SER C 8 -22.49 44.72 -2.13
CA SER C 8 -23.39 45.80 -2.50
C SER C 8 -24.83 45.32 -2.36
N GLY C 9 -25.75 46.28 -2.33
CA GLY C 9 -27.17 46.02 -2.20
C GLY C 9 -27.75 46.46 -0.87
N GLY C 10 -26.93 46.71 0.13
CA GLY C 10 -27.42 47.12 1.43
C GLY C 10 -28.22 48.41 1.38
N GLY C 11 -29.36 48.43 2.06
CA GLY C 11 -30.19 49.62 2.09
C GLY C 11 -31.34 49.46 3.05
N LEU C 12 -31.98 50.58 3.36
CA LEU C 12 -33.12 50.58 4.27
C LEU C 12 -34.28 49.80 3.66
N VAL C 13 -34.99 49.07 4.53
CA VAL C 13 -36.15 48.28 4.12
C VAL C 13 -37.18 48.32 5.25
N GLN C 14 -38.40 47.94 4.92
CA GLN C 14 -39.48 47.85 5.89
C GLN C 14 -39.60 46.42 6.42
N ALA C 15 -40.26 46.31 7.57
CA ALA C 15 -40.45 44.99 8.18
C ALA C 15 -41.21 44.07 7.23
N GLY C 16 -40.74 42.83 7.11
CA GLY C 16 -41.37 41.86 6.26
C GLY C 16 -41.01 41.97 4.79
N GLY C 17 -40.17 42.92 4.40
CA GLY C 17 -39.78 43.08 3.02
C GLY C 17 -38.68 42.12 2.62
N SER C 18 -38.26 42.23 1.37
CA SER C 18 -37.20 41.42 0.81
C SER C 18 -36.13 42.31 0.19
N LEU C 19 -34.93 41.75 0.04
CA LEU C 19 -33.80 42.52 -0.47
C LEU C 19 -32.85 41.60 -1.22
N ARG C 20 -31.96 42.20 -2.00
CA ARG C 20 -30.96 41.46 -2.77
C ARG C 20 -29.58 42.00 -2.41
N LEU C 21 -28.64 41.10 -2.11
CA LEU C 21 -27.27 41.46 -1.80
C LEU C 21 -26.33 40.69 -2.70
N SER C 22 -25.37 41.41 -3.29
CA SER C 22 -24.44 40.81 -4.24
C SER C 22 -23.00 41.02 -3.76
N CYS C 23 -22.25 39.93 -3.70
CA CYS C 23 -20.83 39.96 -3.35
C CYS C 23 -20.03 39.49 -4.55
N ALA C 24 -19.03 40.28 -4.94
CA ALA C 24 -18.25 40.02 -6.14
C ALA C 24 -16.77 39.88 -5.79
N ALA C 25 -16.12 38.91 -6.42
CA ALA C 25 -14.69 38.67 -6.28
C ALA C 25 -13.96 39.24 -7.50
N SER C 26 -12.66 38.96 -7.58
CA SER C 26 -11.84 39.46 -8.68
C SER C 26 -11.07 38.38 -9.42
N THR C 27 -10.88 37.19 -8.84
CA THR C 27 -10.13 36.14 -9.51
C THR C 27 -11.02 35.37 -10.48
N ARG C 28 -10.39 34.55 -11.30
CA ARG C 28 -11.09 33.74 -12.30
C ARG C 28 -11.34 32.31 -11.82
N THR C 29 -11.03 32.00 -10.56
CA THR C 29 -11.17 30.65 -10.02
C THR C 29 -12.37 30.54 -9.09
N THR C 30 -13.30 31.49 -9.15
CA THR C 30 -14.39 31.54 -8.18
C THR C 30 -15.16 30.23 -8.10
N SER C 31 -15.20 29.48 -9.21
CA SER C 31 -15.99 28.25 -9.24
C SER C 31 -15.58 27.30 -8.13
N ARG C 32 -14.30 27.32 -7.72
CA ARG C 32 -13.85 26.44 -6.66
C ARG C 32 -13.90 27.07 -5.28
N TYR C 33 -14.00 28.40 -5.19
CA TYR C 33 -14.06 29.04 -3.89
C TYR C 33 -15.33 28.62 -3.16
N THR C 34 -15.20 28.43 -1.85
CA THR C 34 -16.35 28.17 -0.98
C THR C 34 -16.71 29.49 -0.29
N VAL C 35 -17.98 29.88 -0.40
CA VAL C 35 -18.40 31.20 0.03
C VAL C 35 -19.38 31.07 1.19
N GLY C 36 -19.42 32.11 2.01
CA GLY C 36 -20.35 32.16 3.13
C GLY C 36 -20.67 33.60 3.45
N TRP C 37 -21.68 33.77 4.31
CA TRP C 37 -22.10 35.08 4.73
C TRP C 37 -22.25 35.11 6.25
N PHE C 38 -21.96 36.27 6.83
CA PHE C 38 -22.12 36.48 8.26
C PHE C 38 -22.83 37.79 8.49
N CYS C 39 -23.59 37.86 9.59
CA CYS C 39 -24.27 39.09 9.98
C CYS C 39 -23.95 39.39 11.43
N GLN C 40 -23.56 40.62 11.72
CA GLN C 40 -23.28 41.04 13.09
C GLN C 40 -23.92 42.39 13.35
N ALA C 41 -24.48 42.55 14.54
CA ALA C 41 -25.13 43.77 14.98
C ALA C 41 -24.57 44.16 16.34
N PRO C 42 -24.68 45.44 16.70
CA PRO C 42 -24.19 45.85 18.03
C PRO C 42 -24.86 45.05 19.13
N GLY C 43 -24.07 44.66 20.13
CA GLY C 43 -24.53 43.78 21.18
C GLY C 43 -24.52 42.31 20.81
N LYS C 44 -24.06 41.96 19.62
CA LYS C 44 -24.00 40.56 19.20
C LYS C 44 -22.73 40.35 18.39
N GLU C 45 -22.24 39.12 18.39
CA GLU C 45 -21.02 38.77 17.69
C GLU C 45 -21.34 38.25 16.29
N ARG C 46 -20.28 38.04 15.50
CA ARG C 46 -20.45 37.54 14.15
C ARG C 46 -21.14 36.18 14.18
N GLU C 47 -22.13 36.01 13.30
CA GLU C 47 -22.92 34.79 13.26
C GLU C 47 -23.09 34.33 11.83
N PHE C 48 -23.11 33.02 11.64
CA PHE C 48 -23.31 32.44 10.31
C PHE C 48 -24.75 32.64 9.84
N VAL C 49 -24.90 32.85 8.54
CA VAL C 49 -26.23 33.04 7.96
C VAL C 49 -26.46 32.07 6.81
N ALA C 50 -25.52 31.96 5.88
CA ALA C 50 -25.70 31.14 4.70
C ALA C 50 -24.36 30.71 4.14
N ALA C 51 -24.35 29.57 3.47
CA ALA C 51 -23.13 29.03 2.87
C ALA C 51 -23.41 28.46 1.48
N VAL C 52 -22.37 28.45 0.65
CA VAL C 52 -22.37 27.78 -0.64
C VAL C 52 -20.99 27.18 -0.85
N HIS C 53 -20.93 26.03 -1.51
CA HIS C 53 -19.68 25.31 -1.70
C HIS C 53 -19.46 25.01 -3.18
N TRP C 54 -18.40 24.23 -3.43
CA TRP C 54 -18.00 23.89 -4.79
C TRP C 54 -19.15 23.33 -5.62
N SER C 55 -19.90 22.37 -5.06
CA SER C 55 -20.89 21.66 -5.85
C SER C 55 -21.96 22.60 -6.38
N GLY C 56 -22.40 23.55 -5.56
CA GLY C 56 -23.48 24.45 -5.91
C GLY C 56 -24.86 23.91 -5.58
N GLY C 57 -24.98 22.61 -5.35
CA GLY C 57 -26.21 22.00 -4.90
C GLY C 57 -26.35 21.91 -3.39
N SER C 58 -25.40 22.50 -2.66
CA SER C 58 -25.40 22.46 -1.20
C SER C 58 -25.56 23.87 -0.66
N THR C 59 -26.57 24.08 0.18
CA THR C 59 -26.83 25.37 0.79
C THR C 59 -27.27 25.13 2.22
N TRP C 60 -26.68 25.88 3.16
CA TRP C 60 -26.94 25.71 4.57
C TRP C 60 -27.07 27.06 5.25
N TYR C 61 -28.04 27.17 6.13
CA TYR C 61 -28.35 28.42 6.81
C TYR C 61 -28.58 28.13 8.28
N ALA C 62 -28.43 29.17 9.10
CA ALA C 62 -28.70 29.04 10.53
C ALA C 62 -30.15 28.66 10.75
N ASP C 63 -30.38 27.80 11.76
CA ASP C 63 -31.75 27.35 12.05
C ASP C 63 -32.69 28.54 12.25
N SER C 64 -32.20 29.62 12.85
CA SER C 64 -33.05 30.77 13.09
C SER C 64 -33.57 31.39 11.80
N VAL C 65 -32.93 31.10 10.67
CA VAL C 65 -33.30 31.74 9.40
C VAL C 65 -33.46 30.70 8.30
N LYS C 66 -33.59 29.43 8.69
CA LYS C 66 -33.71 28.37 7.70
C LYS C 66 -34.91 28.63 6.79
N GLY C 67 -34.70 28.51 5.48
CA GLY C 67 -35.77 28.68 4.52
C GLY C 67 -36.07 30.13 4.21
N ARG C 68 -36.12 30.98 5.24
CA ARG C 68 -36.47 32.38 5.03
C ARG C 68 -35.51 33.08 4.09
N PHE C 69 -34.24 32.69 4.11
CA PHE C 69 -33.23 33.29 3.25
C PHE C 69 -32.96 32.40 2.05
N THR C 70 -32.35 32.98 1.01
CA THR C 70 -31.89 32.19 -0.12
C THR C 70 -30.51 32.65 -0.51
N ILE C 71 -29.65 31.71 -0.90
CA ILE C 71 -28.29 32.02 -1.35
C ILE C 71 -28.01 31.25 -2.62
N SER C 72 -27.40 31.94 -3.60
CA SER C 72 -27.12 31.36 -4.90
C SER C 72 -25.80 31.89 -5.41
N ARG C 73 -25.26 31.22 -6.43
CA ARG C 73 -23.99 31.58 -7.03
C ARG C 73 -24.15 31.68 -8.54
N ASP C 74 -23.43 32.63 -9.14
CA ASP C 74 -23.38 32.79 -10.58
C ASP C 74 -21.91 32.78 -10.99
N ASN C 75 -21.45 31.64 -11.53
CA ASN C 75 -20.06 31.52 -11.93
C ASN C 75 -19.74 32.44 -13.10
N ALA C 76 -20.70 32.62 -14.02
CA ALA C 76 -20.46 33.46 -15.19
C ALA C 76 -20.02 34.86 -14.78
N LYS C 77 -20.71 35.45 -13.80
CA LYS C 77 -20.35 36.76 -13.28
C LYS C 77 -19.44 36.69 -12.06
N ASN C 78 -19.11 35.48 -11.60
CA ASN C 78 -18.29 35.30 -10.40
C ASN C 78 -18.89 36.06 -9.22
N THR C 79 -20.19 35.86 -9.01
CA THR C 79 -20.95 36.62 -8.02
C THR C 79 -21.69 35.67 -7.09
N VAL C 80 -21.89 36.11 -5.86
CA VAL C 80 -22.68 35.40 -4.86
C VAL C 80 -23.86 36.28 -4.49
N TYR C 81 -25.07 35.78 -4.68
CA TYR C 81 -26.29 36.52 -4.40
C TYR C 81 -26.97 35.95 -3.17
N LEU C 82 -27.50 36.83 -2.35
CA LEU C 82 -28.30 36.44 -1.19
C LEU C 82 -29.59 37.25 -1.20
N GLN C 83 -30.72 36.55 -1.18
CA GLN C 83 -32.02 37.17 -1.17
C GLN C 83 -32.59 37.07 0.23
N MET C 84 -32.89 38.24 0.80
CA MET C 84 -33.55 38.39 2.08
C MET C 84 -35.05 38.30 1.84
N ASN C 85 -35.74 37.40 2.53
CA ASN C 85 -37.19 37.28 2.43
C ASN C 85 -37.79 37.24 3.82
N SER C 86 -38.95 37.89 3.99
CA SER C 86 -39.63 37.97 5.27
C SER C 86 -38.71 38.53 6.34
N LEU C 87 -38.16 39.72 6.06
CA LEU C 87 -37.21 40.33 6.98
C LEU C 87 -37.90 40.80 8.25
N LYS C 88 -37.13 40.86 9.32
CA LYS C 88 -37.58 41.36 10.62
C LYS C 88 -36.59 42.39 11.14
N GLN C 89 -37.08 43.22 12.06
CA GLN C 89 -36.25 44.32 12.56
C GLN C 89 -34.95 43.81 13.15
N GLU C 90 -34.99 42.70 13.89
CA GLU C 90 -33.78 42.17 14.51
C GLU C 90 -32.72 41.81 13.48
N ASP C 91 -33.12 41.56 12.23
CA ASP C 91 -32.13 41.25 11.20
C ASP C 91 -31.22 42.41 10.90
N THR C 92 -31.58 43.63 11.32
CA THR C 92 -30.74 44.79 11.09
C THR C 92 -29.33 44.53 11.59
N ALA C 93 -28.35 44.64 10.69
CA ALA C 93 -26.98 44.30 11.01
C ALA C 93 -26.09 44.62 9.82
N VAL C 94 -24.79 44.47 10.01
CA VAL C 94 -23.81 44.57 8.93
C VAL C 94 -23.46 43.15 8.49
N TYR C 95 -23.54 42.93 7.18
CA TYR C 95 -23.26 41.63 6.58
C TYR C 95 -21.90 41.63 5.93
N TYR C 96 -21.20 40.51 6.05
CA TYR C 96 -19.90 40.29 5.43
C TYR C 96 -19.95 39.03 4.59
N CYS C 97 -19.56 39.14 3.32
CA CYS C 97 -19.38 37.99 2.47
C CYS C 97 -17.93 37.54 2.55
N ALA C 98 -17.73 36.24 2.74
CA ALA C 98 -16.40 35.67 2.90
C ALA C 98 -16.19 34.57 1.87
N ALA C 99 -15.00 34.53 1.31
CA ALA C 99 -14.60 33.49 0.36
C ALA C 99 -13.37 32.77 0.89
N ALA C 100 -13.30 31.47 0.64
CA ALA C 100 -12.20 30.67 1.16
C ALA C 100 -11.82 29.59 0.16
N GLU C 101 -10.58 29.12 0.29
CA GLU C 101 -10.09 28.02 -0.52
C GLU C 101 -10.83 26.74 -0.14
N PRO C 102 -10.86 25.76 -1.04
CA PRO C 102 -11.72 24.58 -0.83
C PRO C 102 -11.58 23.93 0.54
N ARG C 103 -12.65 24.01 1.32
CA ARG C 103 -12.85 23.23 2.54
C ARG C 103 -14.17 22.50 2.33
N ARG C 104 -14.11 21.27 1.82
CA ARG C 104 -15.25 20.63 1.18
C ARG C 104 -15.78 19.44 1.98
N TYR C 105 -15.61 19.43 3.30
CA TYR C 105 -16.23 18.38 4.10
C TYR C 105 -16.91 18.86 5.37
N SER C 106 -16.69 20.09 5.81
CA SER C 106 -17.52 20.72 6.82
C SER C 106 -18.49 21.62 6.08
N TYR C 107 -19.63 21.05 5.69
CA TYR C 107 -20.60 21.83 4.92
C TYR C 107 -21.09 23.03 5.73
N TYR C 108 -20.94 22.98 7.05
CA TYR C 108 -21.13 24.13 7.92
C TYR C 108 -19.80 24.85 8.11
N MET C 109 -19.87 26.17 8.25
CA MET C 109 -18.68 27.01 8.33
C MET C 109 -18.80 27.96 9.51
N ARG C 110 -17.64 28.43 9.96
CA ARG C 110 -17.53 29.38 11.05
C ARG C 110 -16.45 30.40 10.67
N PRO C 111 -16.43 31.55 11.34
CA PRO C 111 -15.47 32.60 10.94
C PRO C 111 -14.02 32.16 11.04
N ASP C 112 -13.72 31.15 11.86
CA ASP C 112 -12.35 30.71 12.03
C ASP C 112 -11.73 30.19 10.73
N GLU C 113 -12.55 29.81 9.76
CA GLU C 113 -12.06 29.13 8.57
C GLU C 113 -11.82 30.08 7.40
N TYR C 114 -12.73 31.01 7.16
CA TYR C 114 -12.67 31.81 5.95
C TYR C 114 -11.42 32.69 5.93
N ASN C 115 -10.98 33.02 4.71
CA ASN C 115 -9.74 33.77 4.51
C ASN C 115 -9.99 35.15 3.93
N TYR C 116 -10.65 35.25 2.78
CA TYR C 116 -10.94 36.53 2.17
C TYR C 116 -12.25 37.07 2.72
N TRP C 117 -12.21 38.32 3.21
CA TRP C 117 -13.37 38.96 3.80
C TRP C 117 -13.61 40.30 3.13
N GLY C 118 -14.84 40.52 2.66
CA GLY C 118 -15.22 41.81 2.13
C GLY C 118 -15.52 42.80 3.23
N GLN C 119 -15.63 44.08 2.84
CA GLN C 119 -15.89 45.12 3.81
C GLN C 119 -17.25 44.92 4.48
N GLY C 120 -18.27 44.57 3.70
CA GLY C 120 -19.61 44.35 4.20
C GLY C 120 -20.53 45.51 3.88
N THR C 121 -21.81 45.29 4.20
CA THR C 121 -22.84 46.29 3.94
C THR C 121 -23.84 46.29 5.10
N GLN C 122 -24.32 47.47 5.47
CA GLN C 122 -25.26 47.61 6.56
C GLN C 122 -26.68 47.58 6.02
N VAL C 123 -27.54 46.78 6.65
CA VAL C 123 -28.94 46.67 6.28
C VAL C 123 -29.77 46.89 7.52
N THR C 124 -30.80 47.73 7.40
CA THR C 124 -31.69 48.06 8.51
C THR C 124 -33.13 47.79 8.10
N VAL C 125 -33.87 47.19 9.02
CA VAL C 125 -35.28 46.85 8.82
C VAL C 125 -36.11 47.66 9.80
N SER C 126 -37.10 48.39 9.29
CA SER C 126 -37.94 49.26 10.10
C SER C 126 -39.38 48.81 10.02
N SER C 127 -40.07 48.86 11.16
CA SER C 127 -41.47 48.46 11.21
C SER C 127 -42.37 49.58 10.69
#